data_5YYN
#
_entry.id   5YYN
#
_cell.length_a   102.241
_cell.length_b   102.241
_cell.length_c   480.567
_cell.angle_alpha   90.00
_cell.angle_beta   90.00
_cell.angle_gamma   120.00
#
_symmetry.space_group_name_H-M   'P 65'
#
loop_
_entity.id
_entity.type
_entity.pdbx_description
1 polymer 'Arginine--tRNA ligase'
2 polymer TRNA
3 water water
#
loop_
_entity_poly.entity_id
_entity_poly.type
_entity_poly.pdbx_seq_one_letter_code
_entity_poly.pdbx_strand_id
1 'polypeptide(L)'
;HHHHHHGGAMNIQALLSEKVRQAMIAAGAPADCEPQVRQSAKVQFGDYQANGMMAVAKKLGMAPRQLAEQVLTHLDLNGI
ASKVEIAGPGFINIFLDPAFLAEHVQQALASDRLGVATPEKQTIVVDYSAPNVAKEMHVGHLRSTIIGDAAVRTLEFLGH
KVIRANHVGDWGTQFGMLIAWLEKQQQENAGEMELADLEGFYRDAKKHYDEDEEFAERARNYVVKLQSGDEYFREMWRKL
VDITMTQNQITYDRLNVTLTRDDVMGESLYNPMLPGIVADLKAKGLAVESEGATVVFLDEFKNKEGEPMGVIIQKKDGGY
LYTTTDIACAKYRYETLHADRVLYYIDSRQHQHLMQAWAIVRKAGYVPESVPLEHHMFGMMLGKDGKPFKTRAGGTVKLA
DLLDEALERARRLVAEKNPDMPADELEKLANAVGIGAVKYADLSKNRTTDYIFDWDNMLAFEGNTAPYMQYAYTRVLSVF
RKAEIDEEQLAAAPVIIREDREAQLAARLLQFEETLTVVAREGTPHVMCAYLYDLAGLFSGFYEHCPILSAENEEVRNSR
LKLAQLTAKTLKLGLDTLGIETVERM
;
A,C
2 'polyribonucleotide' GCGCUCGUAGCUCAAUUGGAUAGAGCAUCUGACUACGGAUCAGAAGGUUAGGGGUUCGAAUCCUCUCGAGCGCGCCA B,D
#
# COMPACT_ATOMS: atom_id res chain seq x y z
N MET A 10 1.27 4.69 -37.97
CA MET A 10 1.83 5.47 -39.06
C MET A 10 3.34 5.60 -38.91
N ASN A 11 4.07 4.91 -39.79
CA ASN A 11 5.52 4.96 -39.77
C ASN A 11 6.05 5.82 -40.90
N ILE A 12 6.01 7.13 -40.69
CA ILE A 12 6.39 8.11 -41.71
C ILE A 12 7.82 7.91 -42.20
N GLN A 13 8.68 7.43 -41.31
CA GLN A 13 10.07 7.16 -41.66
C GLN A 13 10.16 6.14 -42.79
N ALA A 14 9.53 4.99 -42.58
CA ALA A 14 9.52 3.91 -43.56
C ALA A 14 8.86 4.35 -44.86
N LEU A 15 7.90 5.26 -44.75
CA LEU A 15 7.21 5.80 -45.91
C LEU A 15 8.19 6.56 -46.79
N LEU A 16 8.84 7.56 -46.21
CA LEU A 16 9.81 8.38 -46.92
C LEU A 16 11.05 7.57 -47.26
N SER A 17 11.27 6.48 -46.52
CA SER A 17 12.40 5.61 -46.75
C SER A 17 12.29 4.95 -48.13
N GLU A 18 11.06 4.65 -48.51
CA GLU A 18 10.80 3.99 -49.79
C GLU A 18 10.80 4.99 -50.94
N LYS A 19 10.06 6.08 -50.76
CA LYS A 19 9.91 7.09 -51.80
C LYS A 19 11.22 7.77 -52.15
N VAL A 20 12.21 7.68 -51.25
CA VAL A 20 13.55 8.16 -51.55
C VAL A 20 14.35 7.04 -52.18
N ARG A 21 14.14 5.82 -51.71
CA ARG A 21 14.82 4.67 -52.30
C ARG A 21 14.30 4.41 -53.71
N GLN A 22 12.98 4.44 -53.87
CA GLN A 22 12.36 4.23 -55.17
C GLN A 22 12.64 5.41 -56.09
N ALA A 23 13.05 6.52 -55.50
CA ALA A 23 13.70 7.58 -56.24
C ALA A 23 15.13 7.10 -56.47
N MET A 24 16.12 7.94 -56.16
CA MET A 24 17.54 7.57 -56.21
C MET A 24 17.95 6.62 -57.36
N ILE A 25 17.39 5.41 -57.34
CA ILE A 25 17.49 4.47 -58.46
C ILE A 25 17.18 5.16 -59.78
N ALA A 26 16.10 5.93 -59.78
CA ALA A 26 15.66 6.66 -60.97
C ALA A 26 16.59 7.84 -61.28
N ALA A 27 17.67 7.96 -60.52
CA ALA A 27 18.67 8.98 -60.75
C ALA A 27 20.05 8.34 -60.85
N GLY A 28 20.06 7.02 -61.03
CA GLY A 28 21.31 6.29 -61.16
C GLY A 28 21.82 5.80 -59.82
N ALA A 29 21.40 4.60 -59.42
CA ALA A 29 21.80 4.04 -58.15
C ALA A 29 21.78 2.51 -58.19
N PRO A 30 22.62 1.86 -57.37
CA PRO A 30 22.68 0.40 -57.34
C PRO A 30 21.50 -0.22 -56.59
N ALA A 31 21.39 -1.53 -56.66
CA ALA A 31 20.32 -2.26 -55.97
C ALA A 31 20.46 -2.16 -54.46
N ASP A 32 21.59 -2.62 -53.93
CA ASP A 32 21.88 -2.50 -52.51
C ASP A 32 22.08 -1.05 -52.13
N CYS A 33 20.97 -0.31 -52.12
CA CYS A 33 21.01 1.12 -51.85
C CYS A 33 20.41 1.44 -50.50
N GLU A 34 20.97 2.45 -49.83
CA GLU A 34 20.51 2.82 -48.50
C GLU A 34 20.38 4.32 -48.33
N PRO A 35 19.13 4.82 -48.38
CA PRO A 35 18.91 6.18 -47.91
C PRO A 35 18.91 6.17 -46.39
N GLN A 36 19.39 7.25 -45.77
CA GLN A 36 19.40 7.31 -44.32
C GLN A 36 18.38 8.32 -43.81
N VAL A 37 17.12 7.90 -43.83
CA VAL A 37 16.02 8.76 -43.42
C VAL A 37 15.86 8.80 -41.91
N ARG A 38 16.39 9.84 -41.29
CA ARG A 38 16.25 10.02 -39.87
C ARG A 38 15.33 11.20 -39.60
N GLN A 39 15.08 11.47 -38.33
CA GLN A 39 14.36 12.66 -37.92
C GLN A 39 15.38 13.78 -37.77
N SER A 40 15.07 14.95 -38.32
CA SER A 40 16.02 16.06 -38.31
C SER A 40 16.39 16.47 -36.89
N ALA A 41 17.68 16.70 -36.68
CA ALA A 41 18.19 17.11 -35.39
C ALA A 41 17.57 18.44 -34.97
N LYS A 42 17.96 19.51 -35.64
CA LYS A 42 17.37 20.81 -35.38
C LYS A 42 16.17 20.99 -36.29
N VAL A 43 15.28 21.93 -35.93
CA VAL A 43 14.07 22.17 -36.70
C VAL A 43 14.38 22.92 -37.99
N GLN A 44 15.60 23.40 -38.12
CA GLN A 44 16.04 24.06 -39.35
C GLN A 44 15.97 23.11 -40.53
N PHE A 45 16.15 21.83 -40.26
CA PHE A 45 16.26 20.83 -41.31
C PHE A 45 14.95 20.07 -41.51
N GLY A 46 13.83 20.72 -41.17
CA GLY A 46 12.52 20.13 -41.39
C GLY A 46 12.15 19.07 -40.39
N ASP A 47 11.30 18.15 -40.82
CA ASP A 47 10.81 17.08 -39.95
C ASP A 47 11.58 15.78 -40.17
N TYR A 48 12.21 15.66 -41.33
CA TYR A 48 13.00 14.46 -41.65
C TYR A 48 14.22 14.78 -42.51
N GLN A 49 15.26 13.96 -42.38
CA GLN A 49 16.48 14.13 -43.15
C GLN A 49 16.77 12.88 -43.98
N ALA A 50 17.33 13.07 -45.16
CA ALA A 50 17.84 11.96 -45.95
C ALA A 50 19.36 12.09 -46.03
N ASN A 51 20.07 11.27 -45.27
CA ASN A 51 21.52 11.37 -45.17
C ASN A 51 22.26 10.47 -46.16
N GLY A 52 21.50 9.61 -46.84
CA GLY A 52 22.09 8.55 -47.66
C GLY A 52 22.85 9.00 -48.91
N MET A 53 22.84 10.30 -49.18
CA MET A 53 23.49 10.83 -50.38
C MET A 53 25.00 10.62 -50.40
N MET A 54 25.69 11.33 -49.49
CA MET A 54 27.16 11.38 -49.46
C MET A 54 27.85 10.04 -49.67
N ALA A 55 27.43 9.04 -48.90
CA ALA A 55 28.01 7.71 -48.99
C ALA A 55 27.82 7.13 -50.38
N VAL A 56 26.61 7.25 -50.91
CA VAL A 56 26.31 6.81 -52.26
C VAL A 56 27.08 7.65 -53.26
N ALA A 57 27.05 8.97 -53.07
CA ALA A 57 27.80 9.89 -53.91
C ALA A 57 29.30 9.73 -53.73
N LYS A 58 29.79 8.53 -53.96
CA LYS A 58 31.20 8.20 -53.83
C LYS A 58 31.48 6.88 -54.53
N LYS A 59 30.57 5.93 -54.38
CA LYS A 59 30.69 4.65 -55.06
C LYS A 59 30.51 4.83 -56.57
N LEU A 60 29.88 5.94 -56.96
CA LEU A 60 29.77 6.30 -58.36
C LEU A 60 30.69 7.48 -58.65
N GLY A 61 31.27 8.03 -57.59
CA GLY A 61 32.29 9.07 -57.70
C GLY A 61 31.85 10.38 -58.32
N MET A 62 30.65 10.83 -57.97
CA MET A 62 30.16 12.12 -58.45
C MET A 62 30.25 13.18 -57.36
N ALA A 63 29.27 14.09 -57.32
CA ALA A 63 29.24 15.14 -56.31
C ALA A 63 27.91 15.10 -55.56
N PRO A 64 27.98 14.99 -54.22
CA PRO A 64 26.82 14.84 -53.34
C PRO A 64 25.75 15.89 -53.55
N ARG A 65 26.14 17.17 -53.56
CA ARG A 65 25.18 18.25 -53.70
C ARG A 65 24.61 18.34 -55.11
N GLN A 66 25.08 17.45 -55.99
CA GLN A 66 24.55 17.38 -57.36
C GLN A 66 23.72 16.10 -57.54
N LEU A 67 24.11 15.03 -56.86
CA LEU A 67 23.30 13.83 -56.81
C LEU A 67 22.02 14.13 -56.05
N ALA A 68 22.10 15.13 -55.18
CA ALA A 68 20.99 15.56 -54.36
C ALA A 68 19.73 15.88 -55.18
N GLU A 69 19.76 17.00 -55.91
CA GLU A 69 18.60 17.43 -56.67
C GLU A 69 18.39 16.63 -57.96
N GLN A 70 19.29 15.68 -58.23
CA GLN A 70 19.08 14.74 -59.31
C GLN A 70 18.02 13.73 -58.89
N VAL A 71 17.86 13.60 -57.57
CA VAL A 71 16.87 12.70 -56.99
C VAL A 71 15.51 13.39 -56.86
N LEU A 72 15.54 14.67 -56.50
CA LEU A 72 14.32 15.45 -56.32
C LEU A 72 13.49 15.51 -57.60
N THR A 73 14.16 15.34 -58.74
CA THR A 73 13.50 15.34 -60.03
C THR A 73 12.50 14.19 -60.15
N HIS A 74 12.78 13.09 -59.46
CA HIS A 74 11.91 11.93 -59.51
C HIS A 74 11.29 11.65 -58.15
N LEU A 75 11.70 12.42 -57.15
CA LEU A 75 11.11 12.35 -55.83
C LEU A 75 9.84 13.19 -55.81
N ASP A 76 8.69 12.52 -55.70
CA ASP A 76 7.42 13.23 -55.66
C ASP A 76 6.73 13.10 -54.31
N LEU A 77 7.14 13.92 -53.36
CA LEU A 77 6.53 13.92 -52.04
C LEU A 77 5.36 14.90 -52.00
N ASN A 78 4.60 14.94 -53.09
CA ASN A 78 3.43 15.79 -53.18
C ASN A 78 2.25 15.14 -52.49
N GLY A 79 1.59 15.88 -51.61
CA GLY A 79 0.55 15.31 -50.78
C GLY A 79 1.16 14.80 -49.48
N ILE A 80 2.47 15.00 -49.36
CA ILE A 80 3.21 14.57 -48.18
C ILE A 80 4.03 15.72 -47.61
N ALA A 81 4.95 16.22 -48.43
CA ALA A 81 5.80 17.32 -48.01
C ALA A 81 5.36 18.62 -48.66
N SER A 82 5.71 19.75 -48.04
CA SER A 82 5.34 21.04 -48.57
C SER A 82 6.59 21.84 -48.90
N LYS A 83 7.75 21.26 -48.60
CA LYS A 83 9.02 21.95 -48.76
C LYS A 83 10.20 20.99 -48.67
N VAL A 84 10.79 20.67 -49.82
CA VAL A 84 11.98 19.83 -49.85
C VAL A 84 13.16 20.62 -50.41
N GLU A 85 14.24 20.69 -49.65
CA GLU A 85 15.39 21.48 -50.06
C GLU A 85 16.71 20.82 -49.67
N ILE A 86 17.78 21.24 -50.33
CA ILE A 86 19.10 20.70 -50.05
C ILE A 86 19.87 21.63 -49.14
N ALA A 87 20.64 21.06 -48.23
CA ALA A 87 21.46 21.84 -47.31
C ALA A 87 22.74 21.09 -47.00
N GLY A 88 23.76 21.83 -46.56
CA GLY A 88 25.03 21.25 -46.21
C GLY A 88 25.69 20.53 -47.37
N PRO A 89 26.42 19.45 -47.08
CA PRO A 89 27.09 18.65 -48.10
C PRO A 89 26.15 17.73 -48.86
N GLY A 90 24.86 18.06 -48.90
CA GLY A 90 23.92 17.29 -49.69
C GLY A 90 22.86 16.53 -48.93
N PHE A 91 22.43 17.08 -47.80
CA PHE A 91 21.31 16.50 -47.07
C PHE A 91 20.03 16.82 -47.80
N ILE A 92 19.10 15.88 -47.79
CA ILE A 92 17.77 16.13 -48.35
C ILE A 92 16.78 16.35 -47.22
N ASN A 93 16.45 17.61 -46.97
CA ASN A 93 15.57 17.96 -45.86
C ASN A 93 14.11 18.04 -46.27
N ILE A 94 13.26 17.36 -45.50
CA ILE A 94 11.85 17.24 -45.84
C ILE A 94 10.95 17.91 -44.81
N PHE A 95 10.27 18.98 -45.23
CA PHE A 95 9.35 19.71 -44.36
C PHE A 95 7.93 19.24 -44.62
N LEU A 96 7.41 18.41 -43.71
CA LEU A 96 6.09 17.82 -43.89
C LEU A 96 4.98 18.85 -44.04
N ASP A 97 4.00 18.51 -44.87
CA ASP A 97 2.86 19.38 -45.12
C ASP A 97 1.78 19.18 -44.08
N PRO A 98 1.33 20.28 -43.43
CA PRO A 98 0.26 20.32 -42.44
C PRO A 98 -0.93 19.41 -42.74
N ALA A 99 -1.44 19.47 -43.96
CA ALA A 99 -2.61 18.69 -44.35
C ALA A 99 -2.35 17.19 -44.33
N PHE A 100 -1.08 16.81 -44.45
CA PHE A 100 -0.70 15.41 -44.37
C PHE A 100 -0.75 14.92 -42.93
N LEU A 101 -0.22 15.74 -42.02
CA LEU A 101 -0.22 15.43 -40.60
C LEU A 101 -1.64 15.42 -40.04
N ALA A 102 -2.41 16.43 -40.42
CA ALA A 102 -3.78 16.58 -39.92
C ALA A 102 -4.73 15.61 -40.59
N GLU A 103 -4.20 14.51 -41.11
CA GLU A 103 -5.00 13.49 -41.75
C GLU A 103 -4.69 12.15 -41.09
N HIS A 104 -3.47 12.00 -40.61
CA HIS A 104 -3.04 10.79 -39.91
C HIS A 104 -3.19 10.99 -38.41
N VAL A 105 -3.18 12.23 -37.97
CA VAL A 105 -3.52 12.57 -36.60
C VAL A 105 -4.97 12.17 -36.37
N GLN A 106 -5.76 12.30 -37.43
CA GLN A 106 -7.17 11.97 -37.39
C GLN A 106 -7.37 10.45 -37.48
N GLN A 107 -6.54 9.80 -38.30
CA GLN A 107 -6.65 8.37 -38.50
C GLN A 107 -6.29 7.60 -37.24
N ALA A 108 -5.39 8.17 -36.45
CA ALA A 108 -4.97 7.56 -35.19
C ALA A 108 -6.12 7.56 -34.20
N LEU A 109 -6.89 8.65 -34.18
CA LEU A 109 -8.01 8.78 -33.26
C LEU A 109 -9.09 7.73 -33.51
N ALA A 110 -9.30 7.39 -34.78
CA ALA A 110 -10.36 6.46 -35.15
C ALA A 110 -9.98 5.01 -34.87
N SER A 111 -8.76 4.80 -34.39
CA SER A 111 -8.28 3.46 -34.07
C SER A 111 -7.97 3.30 -32.60
N ASP A 112 -8.16 2.10 -32.08
CA ASP A 112 -7.89 1.81 -30.68
C ASP A 112 -6.40 1.56 -30.47
N ARG A 113 -5.66 1.44 -31.57
CA ARG A 113 -4.22 1.24 -31.51
C ARG A 113 -3.50 2.50 -31.96
N LEU A 114 -4.25 3.59 -32.08
CA LEU A 114 -3.72 4.89 -32.47
C LEU A 114 -2.98 4.86 -33.81
N GLY A 115 -3.43 4.00 -34.72
CA GLY A 115 -2.87 3.96 -36.06
C GLY A 115 -1.65 3.06 -36.19
N VAL A 116 -1.14 2.59 -35.06
CA VAL A 116 0.01 1.69 -35.06
C VAL A 116 -0.32 0.37 -35.75
N ALA A 117 0.49 0.01 -36.74
CA ALA A 117 0.24 -1.19 -37.53
C ALA A 117 0.76 -2.46 -36.87
N THR A 118 0.16 -3.59 -37.23
CA THR A 118 0.55 -4.87 -36.68
C THR A 118 1.55 -5.58 -37.59
N PRO A 119 2.77 -5.80 -37.09
CA PRO A 119 3.86 -6.44 -37.84
C PRO A 119 3.57 -7.91 -38.13
N GLU A 120 4.52 -8.58 -38.78
CA GLU A 120 4.41 -10.01 -39.00
C GLU A 120 4.42 -10.73 -37.67
N LYS A 121 3.31 -11.39 -37.35
CA LYS A 121 3.15 -12.04 -36.07
C LYS A 121 4.24 -13.07 -35.79
N GLN A 122 5.25 -12.64 -35.04
CA GLN A 122 6.36 -13.52 -34.69
C GLN A 122 6.04 -14.32 -33.43
N THR A 123 7.07 -14.94 -32.87
CA THR A 123 6.94 -15.60 -31.57
C THR A 123 8.24 -15.41 -30.81
N ILE A 124 8.21 -14.47 -29.86
CA ILE A 124 9.42 -14.09 -29.15
C ILE A 124 9.44 -14.59 -27.71
N VAL A 125 10.63 -14.92 -27.21
CA VAL A 125 10.80 -15.33 -25.83
C VAL A 125 11.68 -14.33 -25.08
N VAL A 126 11.16 -13.80 -23.99
CA VAL A 126 11.90 -12.82 -23.19
C VAL A 126 12.38 -13.40 -21.87
N ASP A 127 13.68 -13.33 -21.63
CA ASP A 127 14.28 -13.85 -20.41
C ASP A 127 14.59 -12.72 -19.45
N TYR A 128 13.80 -12.60 -18.40
CA TYR A 128 14.02 -11.54 -17.42
C TYR A 128 13.85 -11.97 -15.97
N SER A 129 14.02 -11.01 -15.07
CA SER A 129 13.93 -11.23 -13.63
C SER A 129 14.97 -12.24 -13.13
N ALA A 130 14.63 -13.51 -13.20
CA ALA A 130 15.52 -14.60 -12.80
C ALA A 130 16.03 -14.49 -11.35
N PRO A 131 15.14 -14.72 -10.37
CA PRO A 131 15.54 -14.70 -8.97
C PRO A 131 16.06 -16.05 -8.51
N ASN A 132 16.48 -16.13 -7.25
CA ASN A 132 16.99 -17.38 -6.70
C ASN A 132 16.01 -18.04 -5.73
N VAL A 133 16.30 -19.29 -5.39
CA VAL A 133 15.41 -20.08 -4.54
C VAL A 133 15.91 -20.12 -3.09
N ALA A 134 14.96 -20.03 -2.16
CA ALA A 134 15.24 -20.05 -0.72
C ALA A 134 16.01 -18.81 -0.28
N LYS A 135 15.83 -17.74 -1.03
CA LYS A 135 16.45 -16.47 -0.67
C LYS A 135 15.50 -15.32 -1.01
N GLU A 136 15.37 -14.37 -0.08
CA GLU A 136 14.53 -13.20 -0.28
C GLU A 136 15.08 -12.42 -1.46
N MET A 137 14.21 -12.04 -2.39
CA MET A 137 14.64 -11.40 -3.63
C MET A 137 15.39 -10.10 -3.39
N HIS A 138 16.62 -10.06 -3.88
CA HIS A 138 17.50 -8.92 -3.67
C HIS A 138 17.29 -7.84 -4.73
N VAL A 139 17.77 -6.63 -4.43
CA VAL A 139 17.51 -5.48 -5.28
C VAL A 139 18.30 -5.54 -6.58
N GLY A 140 19.26 -6.45 -6.65
CA GLY A 140 20.10 -6.58 -7.82
C GLY A 140 19.41 -7.24 -8.99
N HIS A 141 18.14 -7.60 -8.81
CA HIS A 141 17.35 -8.24 -9.86
C HIS A 141 16.20 -7.34 -10.30
N LEU A 142 16.11 -6.17 -9.69
CA LEU A 142 15.03 -5.23 -9.97
C LEU A 142 15.12 -4.74 -11.41
N ARG A 143 16.36 -4.46 -11.86
CA ARG A 143 16.59 -3.93 -13.19
C ARG A 143 16.13 -4.89 -14.27
N SER A 144 16.54 -6.15 -14.16
CA SER A 144 16.18 -7.17 -15.14
C SER A 144 14.67 -7.35 -15.25
N THR A 145 14.00 -7.32 -14.10
CA THR A 145 12.57 -7.57 -14.04
C THR A 145 11.77 -6.47 -14.73
N ILE A 146 12.11 -5.22 -14.43
CA ILE A 146 11.38 -4.07 -14.95
C ILE A 146 11.52 -3.95 -16.47
N ILE A 147 12.76 -3.85 -16.94
CA ILE A 147 13.03 -3.65 -18.36
C ILE A 147 12.49 -4.79 -19.21
N GLY A 148 12.64 -6.01 -18.70
CA GLY A 148 12.13 -7.18 -19.37
C GLY A 148 10.62 -7.13 -19.55
N ASP A 149 9.94 -6.68 -18.50
CA ASP A 149 8.49 -6.60 -18.54
C ASP A 149 8.03 -5.50 -19.50
N ALA A 150 8.84 -4.45 -19.59
CA ALA A 150 8.57 -3.37 -20.52
C ALA A 150 8.69 -3.85 -21.96
N ALA A 151 9.68 -4.70 -22.20
CA ALA A 151 9.88 -5.29 -23.51
C ALA A 151 8.69 -6.18 -23.87
N VAL A 152 8.30 -7.02 -22.91
CA VAL A 152 7.17 -7.93 -23.10
C VAL A 152 5.89 -7.18 -23.43
N ARG A 153 5.60 -6.15 -22.64
CA ARG A 153 4.43 -5.31 -22.86
C ARG A 153 4.45 -4.68 -24.26
N THR A 154 5.61 -4.15 -24.63
CA THR A 154 5.77 -3.49 -25.93
C THR A 154 5.55 -4.47 -27.07
N LEU A 155 6.16 -5.65 -26.96
CA LEU A 155 6.03 -6.67 -27.98
C LEU A 155 4.60 -7.17 -28.06
N GLU A 156 3.97 -7.37 -26.91
CA GLU A 156 2.60 -7.88 -26.85
C GLU A 156 1.60 -6.95 -27.52
N PHE A 157 1.77 -5.64 -27.30
CA PHE A 157 0.90 -4.65 -27.92
C PHE A 157 1.01 -4.70 -29.44
N LEU A 158 2.21 -4.95 -29.92
CA LEU A 158 2.46 -5.01 -31.36
C LEU A 158 1.78 -6.22 -31.98
N GLY A 159 1.51 -7.24 -31.16
CA GLY A 159 0.73 -8.37 -31.60
C GLY A 159 1.47 -9.70 -31.69
N HIS A 160 2.74 -9.71 -31.28
CA HIS A 160 3.53 -10.93 -31.31
C HIS A 160 3.06 -11.88 -30.21
N LYS A 161 3.56 -13.11 -30.25
CA LYS A 161 3.30 -14.06 -29.17
C LYS A 161 4.51 -14.13 -28.26
N VAL A 162 4.39 -13.50 -27.10
CA VAL A 162 5.51 -13.40 -26.17
C VAL A 162 5.47 -14.48 -25.10
N ILE A 163 6.54 -15.26 -25.00
CA ILE A 163 6.67 -16.25 -23.96
C ILE A 163 7.59 -15.75 -22.87
N ARG A 164 7.00 -15.32 -21.76
CA ARG A 164 7.77 -14.86 -20.61
C ARG A 164 8.60 -16.01 -20.05
N ALA A 165 9.90 -15.79 -19.90
CA ALA A 165 10.79 -16.83 -19.42
C ALA A 165 11.51 -16.44 -18.15
N ASN A 166 11.15 -17.10 -17.05
CA ASN A 166 11.77 -16.83 -15.76
C ASN A 166 12.80 -17.89 -15.40
N HIS A 167 14.06 -17.59 -15.71
CA HIS A 167 15.16 -18.54 -15.49
C HIS A 167 15.58 -18.55 -14.03
N VAL A 168 14.79 -19.23 -13.21
CA VAL A 168 15.01 -19.26 -11.76
C VAL A 168 16.14 -20.20 -11.38
N GLY A 169 17.01 -19.76 -10.47
CA GLY A 169 18.09 -20.60 -9.98
C GLY A 169 17.59 -21.61 -8.96
N ASP A 170 16.79 -22.57 -9.43
CA ASP A 170 16.18 -23.55 -8.53
C ASP A 170 16.99 -24.84 -8.40
N TRP A 171 18.28 -24.78 -8.73
CA TRP A 171 19.12 -25.95 -8.63
C TRP A 171 20.57 -25.57 -8.33
N GLY A 172 21.29 -26.50 -7.72
CA GLY A 172 22.68 -26.28 -7.37
C GLY A 172 23.06 -27.16 -6.20
N THR A 173 24.26 -26.95 -5.67
CA THR A 173 24.76 -27.73 -4.55
C THR A 173 24.02 -27.37 -3.27
N GLN A 174 23.75 -26.08 -3.12
CA GLN A 174 23.23 -25.51 -1.87
C GLN A 174 21.96 -26.16 -1.34
N PHE A 175 21.28 -26.94 -2.18
CA PHE A 175 20.02 -27.55 -1.77
C PHE A 175 20.21 -28.64 -0.71
N GLY A 176 21.40 -29.22 -0.66
CA GLY A 176 21.74 -30.15 0.40
C GLY A 176 21.78 -29.40 1.71
N MET A 177 22.39 -28.22 1.68
CA MET A 177 22.46 -27.34 2.82
C MET A 177 21.08 -26.77 3.13
N LEU A 178 20.27 -26.66 2.09
CA LEU A 178 18.93 -26.09 2.20
C LEU A 178 17.93 -27.10 2.75
N ILE A 179 17.72 -28.19 2.01
CA ILE A 179 16.75 -29.21 2.36
C ILE A 179 16.97 -29.78 3.77
N ALA A 180 18.24 -30.02 4.10
CA ALA A 180 18.59 -30.52 5.43
C ALA A 180 18.12 -29.56 6.51
N TRP A 181 18.28 -28.27 6.26
CA TRP A 181 17.82 -27.24 7.19
C TRP A 181 16.30 -27.27 7.27
N LEU A 182 15.65 -27.39 6.12
CA LEU A 182 14.20 -27.49 6.05
C LEU A 182 13.71 -28.70 6.83
N GLU A 183 14.34 -29.84 6.61
CA GLU A 183 14.00 -31.07 7.31
C GLU A 183 14.14 -30.87 8.82
N LYS A 184 15.12 -30.08 9.21
CA LYS A 184 15.37 -29.79 10.62
C LYS A 184 14.47 -28.66 11.11
N GLN A 185 14.30 -27.63 10.30
CA GLN A 185 13.48 -26.48 10.66
C GLN A 185 12.01 -26.86 10.75
N GLN A 186 11.66 -28.01 10.19
CA GLN A 186 10.30 -28.52 10.30
C GLN A 186 10.05 -29.17 11.65
N GLN A 187 11.13 -29.44 12.39
CA GLN A 187 11.01 -30.06 13.70
C GLN A 187 10.99 -29.01 14.80
N GLU A 188 10.30 -27.90 14.54
CA GLU A 188 10.14 -26.83 15.53
C GLU A 188 8.74 -26.23 15.44
N ASN A 189 8.19 -26.22 14.23
CA ASN A 189 6.89 -25.61 13.99
C ASN A 189 5.82 -26.66 13.70
N ASP A 197 8.26 -16.45 6.16
CA ASP A 197 8.83 -17.66 6.77
C ASP A 197 10.31 -17.76 6.43
N LEU A 198 10.65 -17.49 5.18
CA LEU A 198 12.04 -17.48 4.76
C LEU A 198 12.62 -16.07 4.91
N GLU A 199 13.60 -15.94 5.78
CA GLU A 199 14.21 -14.66 6.06
C GLU A 199 15.68 -14.83 6.43
N GLY A 200 15.94 -15.80 7.30
CA GLY A 200 17.30 -16.13 7.65
C GLY A 200 17.64 -17.55 7.23
N PHE A 201 17.07 -17.98 6.11
CA PHE A 201 17.23 -19.34 5.64
C PHE A 201 18.63 -19.62 5.12
N TYR A 202 18.90 -19.15 3.90
CA TYR A 202 20.18 -19.36 3.23
C TYR A 202 21.33 -18.84 4.08
N ARG A 203 21.05 -17.84 4.91
CA ARG A 203 22.06 -17.24 5.77
C ARG A 203 22.44 -18.15 6.94
N ASP A 204 21.45 -18.68 7.64
CA ASP A 204 21.71 -19.54 8.79
C ASP A 204 22.32 -20.88 8.39
N ALA A 205 21.73 -21.52 7.38
CA ALA A 205 22.19 -22.83 6.92
C ALA A 205 23.65 -22.75 6.44
N LYS A 206 24.05 -21.57 6.00
CA LYS A 206 25.43 -21.34 5.60
C LYS A 206 26.37 -21.40 6.80
N LYS A 207 25.89 -20.91 7.94
CA LYS A 207 26.68 -20.89 9.17
C LYS A 207 27.03 -22.30 9.63
N HIS A 208 26.19 -23.26 9.24
CA HIS A 208 26.47 -24.67 9.51
C HIS A 208 27.60 -25.19 8.61
N TYR A 209 27.30 -25.30 7.32
CA TYR A 209 28.24 -25.86 6.35
C TYR A 209 29.50 -25.01 6.19
N ASP A 210 30.23 -24.82 7.28
CA ASP A 210 31.57 -24.23 7.28
C ASP A 210 32.17 -24.22 8.68
N GLU A 211 31.63 -23.38 9.55
CA GLU A 211 32.12 -23.22 10.91
C GLU A 211 30.99 -22.77 11.85
N ASP A 212 30.56 -23.67 12.74
CA ASP A 212 31.07 -25.02 12.81
C ASP A 212 29.91 -26.00 12.75
N GLU A 213 30.18 -27.23 12.31
CA GLU A 213 29.12 -28.23 12.19
C GLU A 213 29.70 -29.63 12.00
N GLU A 214 28.94 -30.64 12.40
CA GLU A 214 29.38 -32.03 12.29
C GLU A 214 28.68 -32.79 11.15
N PHE A 215 27.36 -32.79 11.16
CA PHE A 215 26.58 -33.55 10.18
C PHE A 215 26.29 -32.75 8.91
N ALA A 216 27.34 -32.27 8.26
CA ALA A 216 27.22 -31.64 6.96
C ALA A 216 27.37 -32.71 5.89
N GLU A 217 27.88 -33.86 6.31
CA GLU A 217 27.96 -35.03 5.45
C GLU A 217 26.55 -35.55 5.22
N ARG A 218 25.65 -35.18 6.13
CA ARG A 218 24.23 -35.42 5.96
C ARG A 218 23.73 -34.59 4.79
N ALA A 219 24.23 -33.35 4.71
CA ALA A 219 23.83 -32.43 3.66
C ALA A 219 24.51 -32.77 2.33
N ARG A 220 25.81 -33.04 2.38
CA ARG A 220 26.58 -33.35 1.18
C ARG A 220 26.12 -34.66 0.55
N ASN A 221 25.41 -35.47 1.34
CA ASN A 221 24.81 -36.70 0.83
C ASN A 221 23.38 -36.45 0.36
N TYR A 222 22.71 -35.50 1.01
CA TYR A 222 21.32 -35.19 0.70
C TYR A 222 21.11 -34.69 -0.72
N VAL A 223 22.17 -34.16 -1.32
CA VAL A 223 22.08 -33.64 -2.68
C VAL A 223 22.15 -34.75 -3.73
N VAL A 224 23.02 -35.73 -3.50
CA VAL A 224 23.24 -36.80 -4.48
C VAL A 224 22.00 -37.67 -4.68
N LYS A 225 21.02 -37.52 -3.80
CA LYS A 225 19.76 -38.25 -3.94
C LYS A 225 18.74 -37.43 -4.73
N LEU A 226 18.98 -36.13 -4.83
CA LEU A 226 18.08 -35.26 -5.57
C LEU A 226 18.22 -35.48 -7.07
N GLN A 227 19.46 -35.65 -7.52
CA GLN A 227 19.72 -35.95 -8.93
C GLN A 227 19.11 -37.27 -9.34
N SER A 228 19.16 -38.24 -8.42
CA SER A 228 18.49 -39.52 -8.64
C SER A 228 16.98 -39.30 -8.66
N GLY A 229 16.45 -38.82 -7.54
CA GLY A 229 15.07 -38.39 -7.48
C GLY A 229 14.08 -39.38 -6.90
N ASP A 230 13.56 -39.05 -5.73
CA ASP A 230 12.44 -39.77 -5.14
C ASP A 230 11.59 -38.76 -4.37
N GLU A 231 10.28 -38.81 -4.61
CA GLU A 231 9.33 -37.77 -4.17
C GLU A 231 9.64 -37.07 -2.85
N TYR A 232 10.19 -37.80 -1.90
CA TYR A 232 10.55 -37.24 -0.60
C TYR A 232 11.50 -36.05 -0.75
N PHE A 233 12.62 -36.27 -1.42
CA PHE A 233 13.57 -35.19 -1.68
C PHE A 233 13.09 -34.28 -2.80
N ARG A 234 12.13 -34.77 -3.58
CA ARG A 234 11.55 -33.97 -4.65
C ARG A 234 10.53 -32.99 -4.09
N GLU A 235 9.81 -33.41 -3.05
CA GLU A 235 8.87 -32.51 -2.39
C GLU A 235 9.64 -31.43 -1.66
N MET A 236 10.64 -31.84 -0.88
CA MET A 236 11.50 -30.91 -0.15
C MET A 236 12.17 -29.91 -1.08
N TRP A 237 12.24 -30.24 -2.37
CA TRP A 237 12.72 -29.32 -3.38
C TRP A 237 11.62 -28.36 -3.80
N ARG A 238 10.53 -28.90 -4.33
CA ARG A 238 9.41 -28.09 -4.81
C ARG A 238 8.78 -27.25 -3.70
N LYS A 239 8.66 -27.83 -2.52
CA LYS A 239 8.15 -27.12 -1.35
C LYS A 239 9.00 -25.88 -1.08
N LEU A 240 10.31 -26.06 -1.16
CA LEU A 240 11.24 -24.97 -0.91
C LEU A 240 11.20 -23.97 -2.06
N VAL A 241 10.93 -24.46 -3.25
CA VAL A 241 10.87 -23.60 -4.44
C VAL A 241 9.57 -22.80 -4.49
N ASP A 242 8.44 -23.48 -4.31
CA ASP A 242 7.13 -22.85 -4.44
C ASP A 242 6.90 -21.76 -3.41
N ILE A 243 7.56 -21.86 -2.26
CA ILE A 243 7.44 -20.84 -1.22
C ILE A 243 8.17 -19.57 -1.66
N THR A 244 9.36 -19.75 -2.24
CA THR A 244 10.15 -18.63 -2.71
C THR A 244 9.44 -17.90 -3.83
N MET A 245 8.84 -18.66 -4.74
CA MET A 245 8.14 -18.08 -5.89
C MET A 245 6.78 -17.51 -5.53
N THR A 246 6.32 -17.82 -4.32
CA THR A 246 5.08 -17.25 -3.83
C THR A 246 5.37 -15.89 -3.18
N GLN A 247 6.50 -15.84 -2.48
CA GLN A 247 6.97 -14.59 -1.90
C GLN A 247 7.29 -13.59 -3.01
N ASN A 248 7.79 -14.11 -4.13
CA ASN A 248 8.20 -13.27 -5.25
C ASN A 248 7.05 -12.85 -6.14
N GLN A 249 6.00 -13.67 -6.20
CA GLN A 249 4.82 -13.30 -6.98
C GLN A 249 4.14 -12.11 -6.32
N ILE A 250 4.27 -12.05 -5.00
CA ILE A 250 3.77 -10.91 -4.24
C ILE A 250 4.55 -9.66 -4.63
N THR A 251 5.87 -9.80 -4.68
CA THR A 251 6.74 -8.69 -5.05
C THR A 251 6.44 -8.23 -6.47
N TYR A 252 6.15 -9.19 -7.35
CA TYR A 252 5.80 -8.88 -8.73
C TYR A 252 4.49 -8.10 -8.79
N ASP A 253 3.49 -8.61 -8.08
CA ASP A 253 2.16 -8.01 -8.03
C ASP A 253 2.24 -6.59 -7.50
N ARG A 254 3.15 -6.37 -6.55
CA ARG A 254 3.38 -5.05 -6.01
C ARG A 254 4.05 -4.17 -7.05
N LEU A 255 4.92 -4.80 -7.84
CA LEU A 255 5.77 -4.09 -8.78
C LEU A 255 5.03 -3.88 -10.10
N ASN A 256 3.84 -4.47 -10.20
CA ASN A 256 3.02 -4.45 -11.41
C ASN A 256 3.73 -5.12 -12.60
N VAL A 257 4.49 -6.16 -12.29
CA VAL A 257 5.16 -6.95 -13.31
C VAL A 257 4.24 -8.07 -13.76
N THR A 258 4.20 -8.33 -15.07
CA THR A 258 3.24 -9.27 -15.65
C THR A 258 3.66 -10.74 -15.52
N LEU A 259 4.74 -10.99 -14.78
CA LEU A 259 5.22 -12.35 -14.58
C LEU A 259 4.24 -13.20 -13.81
N THR A 260 4.33 -14.51 -13.98
CA THR A 260 3.44 -15.44 -13.33
C THR A 260 4.20 -16.70 -12.91
N ARG A 261 3.54 -17.58 -12.17
CA ARG A 261 4.15 -18.84 -11.76
C ARG A 261 4.39 -19.74 -12.97
N ASP A 262 3.38 -19.87 -13.82
CA ASP A 262 3.53 -20.63 -15.05
C ASP A 262 4.29 -19.86 -16.13
N ASP A 263 5.34 -19.17 -15.70
CA ASP A 263 6.28 -18.51 -16.60
C ASP A 263 7.67 -18.90 -16.14
N VAL A 264 7.73 -19.80 -15.16
CA VAL A 264 8.98 -20.24 -14.58
C VAL A 264 9.59 -21.41 -15.36
N MET A 265 10.79 -21.19 -15.87
CA MET A 265 11.54 -22.21 -16.60
C MET A 265 12.99 -22.15 -16.19
N GLY A 266 13.27 -22.52 -14.95
CA GLY A 266 14.59 -22.35 -14.38
C GLY A 266 15.56 -23.49 -14.63
N GLU A 267 16.69 -23.46 -13.95
CA GLU A 267 17.74 -24.47 -14.09
C GLU A 267 17.28 -25.86 -13.64
N SER A 268 16.21 -26.35 -14.26
CA SER A 268 15.69 -27.67 -13.95
C SER A 268 15.25 -28.33 -15.25
N LEU A 269 14.53 -27.57 -16.05
CA LEU A 269 14.12 -27.99 -17.38
C LEU A 269 15.36 -28.15 -18.25
N TYR A 270 16.36 -27.33 -17.97
CA TYR A 270 17.63 -27.36 -18.71
C TYR A 270 18.68 -28.11 -17.90
N ASN A 271 18.37 -29.33 -17.50
CA ASN A 271 19.31 -30.13 -16.72
C ASN A 271 19.43 -31.60 -17.15
N PRO A 272 18.30 -32.28 -17.41
CA PRO A 272 18.45 -33.64 -17.96
C PRO A 272 18.93 -33.60 -19.40
N MET A 273 19.07 -32.42 -19.96
CA MET A 273 19.55 -32.25 -21.33
C MET A 273 21.06 -32.35 -21.38
N LEU A 274 21.71 -31.99 -20.28
CA LEU A 274 23.17 -31.93 -20.21
C LEU A 274 23.97 -33.15 -20.73
N PRO A 275 23.46 -34.38 -20.52
CA PRO A 275 24.16 -35.50 -21.15
C PRO A 275 24.17 -35.44 -22.68
N GLY A 276 23.02 -35.72 -23.30
CA GLY A 276 22.91 -35.74 -24.74
C GLY A 276 23.01 -34.38 -25.41
N ILE A 277 23.83 -33.50 -24.83
CA ILE A 277 24.10 -32.19 -25.42
C ILE A 277 25.60 -32.06 -25.64
N VAL A 278 26.39 -32.60 -24.72
CA VAL A 278 27.83 -32.66 -24.89
C VAL A 278 28.22 -33.94 -25.63
N ALA A 279 27.39 -34.97 -25.47
CA ALA A 279 27.61 -36.23 -26.16
C ALA A 279 27.39 -36.03 -27.66
N ASP A 280 26.30 -35.36 -28.00
CA ASP A 280 26.01 -35.02 -29.37
C ASP A 280 27.01 -33.98 -29.87
N LEU A 281 27.58 -33.24 -28.93
CA LEU A 281 28.60 -32.25 -29.25
C LEU A 281 29.92 -32.95 -29.53
N LYS A 282 30.07 -34.14 -28.96
CA LYS A 282 31.24 -34.97 -29.24
C LYS A 282 30.99 -35.86 -30.45
N ALA A 283 29.74 -36.27 -30.64
CA ALA A 283 29.35 -37.09 -31.78
C ALA A 283 29.14 -36.24 -33.03
N LYS A 284 29.80 -35.08 -33.07
CA LYS A 284 29.79 -34.22 -34.24
C LYS A 284 31.18 -33.63 -34.45
N GLY A 285 32.11 -34.04 -33.60
CA GLY A 285 33.49 -33.60 -33.69
C GLY A 285 33.66 -32.13 -33.40
N LEU A 286 33.53 -31.75 -32.12
CA LEU A 286 33.66 -30.36 -31.71
C LEU A 286 34.22 -30.24 -30.30
N ALA A 287 34.48 -31.38 -29.67
CA ALA A 287 34.92 -31.39 -28.28
C ALA A 287 36.18 -32.23 -28.05
N VAL A 288 37.06 -31.72 -27.18
CA VAL A 288 38.31 -32.38 -26.86
C VAL A 288 38.49 -32.41 -25.34
N GLU A 289 38.92 -33.55 -24.79
CA GLU A 289 39.06 -33.70 -23.34
C GLU A 289 40.29 -32.99 -22.77
N SER A 290 40.53 -31.77 -23.22
CA SER A 290 41.69 -30.99 -22.79
C SER A 290 41.71 -30.74 -21.28
N GLU A 291 42.92 -30.71 -20.72
CA GLU A 291 43.14 -30.38 -19.31
C GLU A 291 42.50 -31.37 -18.32
N GLY A 292 41.40 -31.98 -18.73
CA GLY A 292 40.67 -32.89 -17.87
C GLY A 292 39.19 -32.61 -17.99
N ALA A 293 38.85 -31.70 -18.91
CA ALA A 293 37.48 -31.27 -19.10
C ALA A 293 37.10 -31.24 -20.57
N THR A 294 35.82 -31.49 -20.84
CA THR A 294 35.29 -31.43 -22.20
C THR A 294 35.21 -29.98 -22.65
N VAL A 295 35.90 -29.65 -23.74
CA VAL A 295 35.97 -28.27 -24.21
C VAL A 295 35.70 -28.13 -25.71
N VAL A 296 35.24 -26.97 -26.13
CA VAL A 296 34.88 -26.72 -27.53
C VAL A 296 35.54 -25.44 -28.06
N PHE A 297 36.38 -25.59 -29.08
CA PHE A 297 37.22 -24.48 -29.55
C PHE A 297 36.56 -23.52 -30.54
N LEU A 298 36.81 -22.23 -30.33
CA LEU A 298 36.28 -21.17 -31.18
C LEU A 298 37.41 -20.21 -31.56
N ASP A 299 37.15 -19.34 -32.54
CA ASP A 299 38.23 -18.55 -33.12
C ASP A 299 37.85 -17.13 -33.55
N GLU A 300 37.78 -16.20 -32.60
CA GLU A 300 37.47 -14.80 -32.93
C GLU A 300 37.82 -13.81 -31.82
N PHE A 301 39.06 -13.80 -31.36
CA PHE A 301 39.42 -12.90 -30.25
C PHE A 301 40.88 -12.45 -30.14
N LYS A 302 41.72 -13.31 -29.56
CA LYS A 302 43.03 -12.87 -29.05
C LYS A 302 44.25 -13.30 -29.86
N ASN A 303 45.40 -13.27 -29.19
CA ASN A 303 46.68 -13.57 -29.81
C ASN A 303 47.07 -15.05 -29.71
N LYS A 304 46.16 -15.87 -29.20
CA LYS A 304 46.36 -17.31 -29.18
C LYS A 304 45.00 -18.01 -29.28
N GLU A 305 44.59 -18.69 -28.21
CA GLU A 305 43.32 -19.40 -28.20
C GLU A 305 42.70 -19.45 -26.81
N GLY A 306 41.42 -19.08 -26.74
CA GLY A 306 40.66 -19.16 -25.51
C GLY A 306 39.77 -20.39 -25.54
N GLU A 307 39.13 -20.71 -24.43
CA GLU A 307 38.39 -21.97 -24.34
C GLU A 307 37.37 -22.06 -23.21
N PRO A 308 36.09 -22.28 -23.55
CA PRO A 308 35.02 -22.61 -22.61
C PRO A 308 35.03 -24.09 -22.23
N MET A 309 34.05 -24.55 -21.46
CA MET A 309 34.03 -25.93 -20.99
C MET A 309 32.70 -26.63 -21.27
N GLY A 310 32.38 -27.59 -20.43
CA GLY A 310 31.15 -28.35 -20.51
C GLY A 310 31.02 -29.24 -19.29
N VAL A 311 32.08 -30.01 -19.05
CA VAL A 311 32.18 -30.83 -17.84
C VAL A 311 33.55 -30.62 -17.24
N ILE A 312 33.92 -31.50 -16.32
CA ILE A 312 35.23 -31.51 -15.67
C ILE A 312 35.29 -32.75 -14.77
N ILE A 313 34.10 -33.20 -14.37
CA ILE A 313 33.98 -34.33 -13.46
C ILE A 313 33.14 -35.44 -14.08
N LEU A 321 27.74 -26.75 -15.97
CA LEU A 321 28.36 -25.44 -15.80
C LEU A 321 27.47 -24.35 -16.38
N TYR A 322 27.72 -23.10 -16.00
CA TYR A 322 26.90 -21.97 -16.43
C TYR A 322 27.01 -21.64 -17.93
N THR A 323 27.68 -22.50 -18.68
CA THR A 323 27.79 -22.29 -20.13
C THR A 323 27.07 -23.39 -20.89
N THR A 324 27.04 -24.58 -20.31
CA THR A 324 26.39 -25.73 -20.95
C THR A 324 24.88 -25.69 -20.78
N THR A 325 24.40 -24.95 -19.79
CA THR A 325 22.97 -24.86 -19.53
C THR A 325 22.30 -23.96 -20.54
N ASP A 326 22.98 -22.87 -20.90
CA ASP A 326 22.45 -21.87 -21.82
C ASP A 326 22.33 -22.44 -23.22
N ILE A 327 23.24 -23.35 -23.57
CA ILE A 327 23.20 -23.99 -24.87
C ILE A 327 21.93 -24.81 -25.01
N ALA A 328 21.63 -25.60 -23.99
CA ALA A 328 20.39 -26.35 -23.95
C ALA A 328 19.21 -25.39 -23.86
N CYS A 329 19.40 -24.30 -23.13
CA CYS A 329 18.39 -23.27 -23.01
C CYS A 329 18.06 -22.67 -24.37
N ALA A 330 19.08 -22.08 -25.00
CA ALA A 330 18.92 -21.45 -26.32
C ALA A 330 18.43 -22.43 -27.37
N LYS A 331 18.64 -23.72 -27.11
CA LYS A 331 18.18 -24.78 -27.99
C LYS A 331 16.70 -25.08 -27.75
N TYR A 332 16.34 -25.19 -26.46
CA TYR A 332 14.97 -25.50 -26.08
C TYR A 332 13.98 -24.44 -26.52
N ARG A 333 14.43 -23.18 -26.48
CA ARG A 333 13.60 -22.07 -26.92
C ARG A 333 13.19 -22.27 -28.38
N TYR A 334 14.12 -22.76 -29.18
CA TYR A 334 13.88 -22.93 -30.61
C TYR A 334 13.13 -24.23 -30.93
N GLU A 335 13.66 -25.35 -30.45
CA GLU A 335 13.13 -26.66 -30.84
C GLU A 335 11.75 -27.00 -30.27
N THR A 336 11.43 -26.48 -29.10
CA THR A 336 10.17 -26.83 -28.45
C THR A 336 9.21 -25.65 -28.36
N LEU A 337 9.75 -24.45 -28.19
CA LEU A 337 8.91 -23.27 -28.04
C LEU A 337 8.76 -22.50 -29.35
N HIS A 338 9.47 -22.95 -30.38
CA HIS A 338 9.41 -22.36 -31.72
C HIS A 338 9.74 -20.87 -31.69
N ALA A 339 10.85 -20.53 -31.05
CA ALA A 339 11.24 -19.13 -30.90
C ALA A 339 11.82 -18.54 -32.18
N ASP A 340 11.13 -17.55 -32.74
CA ASP A 340 11.64 -16.83 -33.89
C ASP A 340 12.74 -15.89 -33.45
N ARG A 341 12.68 -15.51 -32.19
CA ARG A 341 13.59 -14.52 -31.62
C ARG A 341 13.59 -14.72 -30.12
N VAL A 342 14.72 -14.44 -29.47
CA VAL A 342 14.79 -14.65 -28.02
C VAL A 342 15.69 -13.62 -27.32
N LEU A 343 15.07 -12.77 -26.51
CA LEU A 343 15.78 -11.73 -25.80
C LEU A 343 16.27 -12.19 -24.42
N TYR A 344 17.41 -11.66 -24.01
CA TYR A 344 18.04 -12.05 -22.75
C TYR A 344 18.39 -10.81 -21.92
N TYR A 345 17.61 -10.55 -20.87
CA TYR A 345 17.92 -9.44 -19.98
C TYR A 345 18.69 -9.91 -18.75
N ILE A 346 20.01 -9.93 -18.86
CA ILE A 346 20.89 -10.50 -17.84
C ILE A 346 22.07 -9.56 -17.54
N ASP A 347 22.56 -9.62 -16.30
CA ASP A 347 23.74 -8.88 -15.85
C ASP A 347 24.88 -8.84 -16.87
N SER A 348 25.69 -7.79 -16.79
CA SER A 348 26.81 -7.60 -17.69
C SER A 348 27.89 -8.67 -17.50
N ARG A 349 28.11 -9.07 -16.25
CA ARG A 349 29.10 -10.08 -15.92
C ARG A 349 28.67 -11.48 -16.36
N GLN A 350 28.11 -11.58 -17.56
CA GLN A 350 27.61 -12.85 -18.07
C GLN A 350 27.62 -12.81 -19.59
N HIS A 351 28.13 -11.71 -20.13
CA HIS A 351 28.19 -11.53 -21.58
C HIS A 351 29.11 -12.55 -22.21
N GLN A 352 30.24 -12.80 -21.58
CA GLN A 352 31.19 -13.81 -22.04
C GLN A 352 30.53 -15.17 -22.09
N HIS A 353 30.08 -15.63 -20.92
CA HIS A 353 29.51 -16.96 -20.76
C HIS A 353 28.37 -17.24 -21.72
N LEU A 354 27.66 -16.19 -22.13
CA LEU A 354 26.60 -16.34 -23.11
C LEU A 354 27.15 -16.40 -24.52
N MET A 355 27.89 -15.36 -24.91
CA MET A 355 28.43 -15.25 -26.26
C MET A 355 29.28 -16.45 -26.64
N GLN A 356 30.10 -16.90 -25.70
CA GLN A 356 30.90 -18.11 -25.89
C GLN A 356 29.96 -19.28 -26.13
N ALA A 357 29.04 -19.49 -25.20
CA ALA A 357 28.14 -20.63 -25.26
C ALA A 357 27.11 -20.50 -26.37
N TRP A 358 27.00 -19.30 -26.94
CA TRP A 358 26.10 -19.07 -28.06
C TRP A 358 26.79 -19.25 -29.39
N ALA A 359 28.08 -18.94 -29.43
CA ALA A 359 28.89 -19.18 -30.62
C ALA A 359 28.99 -20.68 -30.84
N ILE A 360 28.89 -21.44 -29.75
CA ILE A 360 28.88 -22.89 -29.80
C ILE A 360 27.62 -23.36 -30.51
N VAL A 361 26.51 -22.67 -30.28
CA VAL A 361 25.25 -23.03 -30.93
C VAL A 361 25.21 -22.56 -32.37
N ARG A 362 26.04 -21.58 -32.70
CA ARG A 362 26.11 -21.08 -34.07
C ARG A 362 26.92 -22.02 -34.96
N LYS A 363 27.89 -22.71 -34.35
CA LYS A 363 28.71 -23.68 -35.06
C LYS A 363 28.37 -25.11 -34.62
N ALA A 364 27.08 -25.40 -34.52
CA ALA A 364 26.62 -26.74 -34.19
C ALA A 364 25.20 -26.93 -34.72
N GLY A 365 24.57 -25.82 -35.07
CA GLY A 365 23.27 -25.84 -35.72
C GLY A 365 22.12 -26.38 -34.90
N TYR A 366 22.01 -25.94 -33.65
CA TYR A 366 20.83 -26.25 -32.84
C TYR A 366 19.75 -25.23 -33.14
N VAL A 367 20.12 -23.95 -32.98
CA VAL A 367 19.24 -22.84 -33.36
C VAL A 367 19.84 -22.12 -34.56
N PRO A 368 19.03 -21.92 -35.62
CA PRO A 368 19.47 -21.41 -36.91
C PRO A 368 20.03 -19.99 -36.92
N GLU A 369 19.82 -19.30 -38.04
CA GLU A 369 20.35 -17.96 -38.26
C GLU A 369 19.24 -16.91 -38.27
N SER A 370 18.04 -17.34 -38.64
CA SER A 370 16.90 -16.43 -38.69
C SER A 370 16.36 -16.19 -37.28
N VAL A 371 16.94 -16.89 -36.31
CA VAL A 371 16.56 -16.72 -34.91
C VAL A 371 17.69 -16.04 -34.14
N PRO A 372 17.53 -14.74 -33.87
CA PRO A 372 18.54 -13.96 -33.16
C PRO A 372 18.61 -14.33 -31.69
N LEU A 373 19.80 -14.22 -31.11
CA LEU A 373 19.99 -14.41 -29.68
C LEU A 373 20.51 -13.12 -29.08
N GLU A 374 19.60 -12.19 -28.83
CA GLU A 374 19.98 -10.87 -28.34
C GLU A 374 20.30 -10.89 -26.85
N HIS A 375 21.28 -10.10 -26.46
CA HIS A 375 21.65 -9.98 -25.05
C HIS A 375 21.69 -8.53 -24.61
N HIS A 376 20.68 -8.12 -23.84
CA HIS A 376 20.62 -6.76 -23.32
C HIS A 376 21.15 -6.73 -21.89
N MET A 377 22.07 -5.81 -21.62
CA MET A 377 22.83 -5.85 -20.38
C MET A 377 22.75 -4.58 -19.54
N PHE A 378 23.24 -4.70 -18.31
CA PHE A 378 23.23 -3.60 -17.34
C PHE A 378 24.21 -3.91 -16.22
N GLY A 379 24.64 -2.86 -15.52
CA GLY A 379 25.64 -3.02 -14.48
C GLY A 379 25.05 -3.26 -13.11
N MET A 380 25.76 -2.83 -12.08
CA MET A 380 25.32 -3.03 -10.71
C MET A 380 24.68 -1.77 -10.13
N MET A 381 23.85 -1.97 -9.11
CA MET A 381 23.20 -0.85 -8.44
C MET A 381 24.18 -0.13 -7.52
N LEU A 382 24.33 1.18 -7.75
CA LEU A 382 25.19 2.02 -6.93
C LEU A 382 24.38 3.16 -6.34
N GLY A 383 24.84 3.70 -5.22
CA GLY A 383 24.18 4.84 -4.62
C GLY A 383 24.83 6.14 -5.06
N LYS A 384 24.45 7.25 -4.44
CA LYS A 384 25.01 8.55 -4.76
C LYS A 384 26.45 8.68 -4.23
N ASP A 385 27.29 7.70 -4.56
CA ASP A 385 28.66 7.65 -4.05
C ASP A 385 29.53 6.60 -4.74
N GLY A 386 29.05 6.04 -5.83
CA GLY A 386 29.85 5.10 -6.60
C GLY A 386 30.08 3.75 -5.94
N LYS A 387 29.57 3.59 -4.72
CA LYS A 387 29.69 2.32 -4.01
C LYS A 387 28.44 1.48 -4.23
N PRO A 388 28.58 0.15 -4.16
CA PRO A 388 27.46 -0.78 -4.34
C PRO A 388 26.27 -0.43 -3.47
N PHE A 389 25.07 -0.54 -4.04
CA PHE A 389 23.85 -0.17 -3.34
C PHE A 389 23.58 -1.09 -2.15
N LYS A 390 23.84 -0.58 -0.96
CA LYS A 390 23.67 -1.37 0.26
C LYS A 390 22.97 -0.54 1.33
N THR A 391 22.54 -1.21 2.39
CA THR A 391 21.94 -0.51 3.52
C THR A 391 23.00 0.23 4.32
N ARG A 392 22.56 0.97 5.35
CA ARG A 392 23.49 1.70 6.19
C ARG A 392 24.18 0.76 7.18
N ALA A 393 23.58 -0.41 7.40
CA ALA A 393 24.20 -1.44 8.21
C ALA A 393 25.38 -2.03 7.47
N GLY A 394 25.31 -2.04 6.15
CA GLY A 394 26.39 -2.52 5.30
C GLY A 394 26.13 -3.90 4.73
N GLY A 395 25.00 -4.05 4.04
CA GLY A 395 24.65 -5.34 3.47
C GLY A 395 23.61 -5.27 2.37
N THR A 396 23.13 -6.44 1.97
CA THR A 396 22.18 -6.58 0.88
C THR A 396 20.84 -5.90 1.18
N VAL A 397 20.33 -5.17 0.19
CA VAL A 397 19.03 -4.52 0.32
C VAL A 397 17.92 -5.37 -0.28
N LYS A 398 16.99 -5.80 0.57
CA LYS A 398 15.85 -6.58 0.12
C LYS A 398 14.93 -5.72 -0.73
N LEU A 399 14.41 -6.29 -1.80
CA LEU A 399 13.58 -5.55 -2.74
C LEU A 399 12.29 -5.06 -2.09
N ALA A 400 11.74 -5.87 -1.19
CA ALA A 400 10.53 -5.49 -0.47
C ALA A 400 10.77 -4.23 0.37
N ASP A 401 11.93 -4.20 1.04
CA ASP A 401 12.30 -3.07 1.88
C ASP A 401 12.51 -1.80 1.06
N LEU A 402 12.88 -1.98 -0.20
CA LEU A 402 13.06 -0.86 -1.11
C LEU A 402 11.72 -0.29 -1.54
N LEU A 403 10.77 -1.18 -1.82
CA LEU A 403 9.44 -0.77 -2.25
C LEU A 403 8.70 -0.08 -1.11
N ASP A 404 8.98 -0.52 0.11
CA ASP A 404 8.37 0.07 1.30
C ASP A 404 8.76 1.53 1.45
N GLU A 405 10.05 1.81 1.24
CA GLU A 405 10.53 3.19 1.34
C GLU A 405 10.06 4.02 0.15
N ALA A 406 9.89 3.37 -0.99
CA ALA A 406 9.40 4.03 -2.18
C ALA A 406 8.01 4.56 -1.93
N LEU A 407 7.19 3.73 -1.30
CA LEU A 407 5.81 4.10 -0.98
C LEU A 407 5.75 5.18 0.10
N GLU A 408 6.63 5.06 1.10
CA GLU A 408 6.72 6.06 2.15
C GLU A 408 7.16 7.42 1.60
N ARG A 409 8.30 7.44 0.94
CA ARG A 409 8.84 8.67 0.34
C ARG A 409 7.87 9.31 -0.64
N ALA A 410 7.03 8.48 -1.26
CA ALA A 410 6.01 8.97 -2.16
C ALA A 410 4.89 9.65 -1.37
N ARG A 411 4.51 9.02 -0.26
CA ARG A 411 3.47 9.57 0.60
C ARG A 411 3.86 10.94 1.10
N ARG A 412 5.10 11.08 1.52
CA ARG A 412 5.62 12.36 2.00
C ARG A 412 5.63 13.39 0.88
N LEU A 413 5.84 12.92 -0.35
CA LEU A 413 5.87 13.79 -1.51
C LEU A 413 4.48 14.33 -1.83
N VAL A 414 3.51 13.44 -1.89
CA VAL A 414 2.13 13.81 -2.22
C VAL A 414 1.49 14.64 -1.11
N ALA A 415 1.90 14.38 0.13
CA ALA A 415 1.31 15.07 1.27
C ALA A 415 1.58 16.57 1.23
N GLU A 416 2.85 16.95 1.13
CA GLU A 416 3.25 18.35 1.18
C GLU A 416 2.89 19.15 -0.08
N LYS A 417 1.95 18.65 -0.86
CA LYS A 417 1.48 19.34 -2.04
C LYS A 417 -0.03 19.25 -2.13
N ASN A 418 -0.57 18.14 -1.66
CA ASN A 418 -2.01 17.93 -1.66
C ASN A 418 -2.51 17.46 -0.30
N PRO A 419 -2.21 18.22 0.77
CA PRO A 419 -2.55 17.73 2.10
C PRO A 419 -4.04 17.89 2.40
N ASP A 420 -4.49 17.31 3.52
CA ASP A 420 -5.89 17.34 3.91
C ASP A 420 -6.77 16.78 2.79
N MET A 421 -6.44 15.58 2.36
CA MET A 421 -7.14 14.92 1.26
C MET A 421 -7.44 13.49 1.65
N PRO A 422 -8.52 12.90 1.09
CA PRO A 422 -8.95 11.54 1.45
C PRO A 422 -7.83 10.51 1.39
N ALA A 423 -7.56 9.89 2.53
CA ALA A 423 -6.53 8.87 2.65
C ALA A 423 -6.84 7.68 1.76
N ASP A 424 -8.12 7.47 1.49
CA ASP A 424 -8.57 6.40 0.63
C ASP A 424 -7.98 6.54 -0.75
N GLU A 425 -7.76 7.79 -1.17
CA GLU A 425 -7.10 8.05 -2.45
C GLU A 425 -5.82 8.83 -2.25
N LEU A 426 -4.95 8.31 -1.38
CA LEU A 426 -3.60 8.80 -1.25
C LEU A 426 -2.66 7.63 -1.47
N GLU A 427 -2.98 6.50 -0.83
CA GLU A 427 -2.24 5.26 -1.04
C GLU A 427 -2.30 4.84 -2.50
N LYS A 428 -3.48 5.01 -3.10
CA LYS A 428 -3.67 4.74 -4.51
C LYS A 428 -2.71 5.60 -5.34
N LEU A 429 -2.66 6.88 -5.02
CA LEU A 429 -1.82 7.82 -5.75
C LEU A 429 -0.34 7.64 -5.40
N ALA A 430 -0.08 7.35 -4.13
CA ALA A 430 1.28 7.10 -3.67
C ALA A 430 1.81 5.82 -4.29
N ASN A 431 0.92 4.89 -4.59
CA ASN A 431 1.31 3.66 -5.25
C ASN A 431 1.85 3.97 -6.64
N ALA A 432 1.07 4.75 -7.39
CA ALA A 432 1.42 5.12 -8.76
C ALA A 432 2.71 5.92 -8.81
N VAL A 433 2.85 6.90 -7.93
CA VAL A 433 4.02 7.76 -7.91
C VAL A 433 5.27 7.00 -7.46
N GLY A 434 5.17 6.32 -6.31
CA GLY A 434 6.29 5.61 -5.75
C GLY A 434 6.76 4.41 -6.55
N ILE A 435 5.83 3.48 -6.81
CA ILE A 435 6.16 2.28 -7.56
C ILE A 435 6.53 2.61 -9.00
N GLY A 436 5.90 3.65 -9.55
CA GLY A 436 6.18 4.08 -10.90
C GLY A 436 7.59 4.65 -11.01
N ALA A 437 7.97 5.43 -10.01
CA ALA A 437 9.29 6.04 -9.98
C ALA A 437 10.40 4.99 -9.90
N VAL A 438 10.15 3.93 -9.13
CA VAL A 438 11.10 2.83 -9.01
C VAL A 438 11.36 2.16 -10.36
N LYS A 439 10.29 1.97 -11.12
CA LYS A 439 10.40 1.38 -12.45
C LYS A 439 10.95 2.39 -13.44
N TYR A 440 10.21 3.48 -13.64
CA TYR A 440 10.66 4.58 -14.50
C TYR A 440 11.91 5.24 -13.92
N ALA A 441 13.00 4.50 -13.93
CA ALA A 441 14.29 4.99 -13.45
C ALA A 441 15.36 4.11 -14.09
N ASP A 442 14.97 2.89 -14.40
CA ASP A 442 15.76 2.00 -15.25
C ASP A 442 15.28 2.21 -16.66
N LEU A 443 14.00 2.54 -16.79
CA LEU A 443 13.41 2.95 -18.06
C LEU A 443 13.73 4.42 -18.29
N SER A 444 15.01 4.72 -18.43
CA SER A 444 15.49 6.08 -18.65
C SER A 444 16.99 5.97 -18.91
N LYS A 445 17.59 4.94 -18.33
CA LYS A 445 19.01 4.65 -18.52
C LYS A 445 19.16 3.39 -19.37
N ASN A 446 20.16 3.39 -20.24
CA ASN A 446 20.37 2.26 -21.15
C ASN A 446 21.77 1.69 -21.02
N ARG A 447 22.55 2.27 -20.10
CA ARG A 447 23.93 1.87 -19.91
C ARG A 447 24.07 0.42 -19.45
N THR A 448 25.31 -0.05 -19.45
CA THR A 448 25.63 -1.38 -18.95
C THR A 448 26.81 -1.32 -18.01
N THR A 449 27.11 -0.13 -17.52
CA THR A 449 28.28 0.11 -16.70
C THR A 449 27.88 0.67 -15.35
N ASP A 450 27.10 -0.10 -14.61
CA ASP A 450 26.57 0.31 -13.31
C ASP A 450 25.65 1.52 -13.41
N TYR A 451 24.95 1.82 -12.33
CA TYR A 451 23.99 2.91 -12.33
C TYR A 451 23.70 3.44 -10.94
N ILE A 452 23.36 4.71 -10.86
CA ILE A 452 23.11 5.38 -9.58
C ILE A 452 21.63 5.32 -9.21
N PHE A 453 21.36 4.87 -7.99
CA PHE A 453 20.01 4.91 -7.45
C PHE A 453 19.93 6.08 -6.47
N ASP A 454 19.12 7.07 -6.80
CA ASP A 454 19.02 8.28 -5.99
C ASP A 454 17.57 8.71 -5.90
N TRP A 455 17.02 8.68 -4.69
CA TRP A 455 15.61 9.01 -4.47
C TRP A 455 15.28 10.42 -4.94
N ASP A 456 16.24 11.33 -4.80
CA ASP A 456 16.01 12.73 -5.15
C ASP A 456 15.89 12.95 -6.65
N ASN A 457 16.38 12.00 -7.43
CA ASN A 457 16.29 12.10 -8.89
C ASN A 457 14.99 11.51 -9.41
N MET A 458 14.62 10.36 -8.85
CA MET A 458 13.45 9.62 -9.32
C MET A 458 12.14 10.19 -8.81
N LEU A 459 12.10 10.58 -7.54
CA LEU A 459 10.89 11.12 -6.95
C LEU A 459 10.88 12.65 -6.97
N ALA A 460 10.64 13.20 -8.16
CA ALA A 460 10.60 14.64 -8.32
C ALA A 460 9.68 15.03 -9.46
N PHE A 461 9.02 16.18 -9.32
CA PHE A 461 8.12 16.69 -10.36
C PHE A 461 8.90 17.43 -11.45
N GLU A 462 10.21 17.27 -11.45
CA GLU A 462 11.06 17.98 -12.39
C GLU A 462 12.04 17.03 -13.08
N GLY A 463 12.02 17.04 -14.41
CA GLY A 463 12.91 16.19 -15.19
C GLY A 463 12.21 15.00 -15.81
N ASN A 464 12.99 14.05 -16.30
CA ASN A 464 12.44 12.85 -16.91
C ASN A 464 12.06 11.82 -15.86
N THR A 465 11.11 12.18 -15.00
CA THR A 465 10.66 11.32 -13.94
C THR A 465 9.22 10.89 -14.17
N ALA A 466 8.88 9.72 -13.64
CA ALA A 466 7.51 9.21 -13.71
C ALA A 466 6.46 10.18 -13.14
N PRO A 467 6.72 10.80 -11.97
CA PRO A 467 5.72 11.74 -11.47
C PRO A 467 5.43 12.89 -12.44
N TYR A 468 6.45 13.40 -13.12
CA TYR A 468 6.25 14.47 -14.08
C TYR A 468 5.35 14.01 -15.22
N MET A 469 5.62 12.83 -15.75
CA MET A 469 4.80 12.24 -16.80
C MET A 469 3.38 12.03 -16.29
N GLN A 470 3.28 11.46 -15.09
CA GLN A 470 1.99 11.21 -14.47
C GLN A 470 1.21 12.51 -14.25
N TYR A 471 1.94 13.56 -13.86
CA TYR A 471 1.32 14.87 -13.67
C TYR A 471 0.98 15.49 -15.02
N ALA A 472 1.90 15.34 -15.97
CA ALA A 472 1.71 15.87 -17.32
C ALA A 472 0.47 15.25 -17.97
N TYR A 473 0.26 13.96 -17.69
CA TYR A 473 -0.88 13.25 -18.26
C TYR A 473 -2.20 13.75 -17.69
N THR A 474 -2.20 14.05 -16.39
CA THR A 474 -3.38 14.62 -15.74
C THR A 474 -3.63 16.02 -16.26
N ARG A 475 -2.56 16.74 -16.51
CA ARG A 475 -2.63 18.09 -17.03
C ARG A 475 -3.33 18.13 -18.39
N VAL A 476 -2.83 17.34 -19.32
CA VAL A 476 -3.39 17.24 -20.66
C VAL A 476 -4.85 16.83 -20.61
N LEU A 477 -5.15 15.86 -19.75
CA LEU A 477 -6.49 15.29 -19.66
C LEU A 477 -7.52 16.30 -19.18
N SER A 478 -7.09 17.27 -18.39
CA SER A 478 -7.99 18.25 -17.81
C SER A 478 -8.54 19.19 -18.90
N VAL A 479 -7.72 19.47 -19.90
CA VAL A 479 -8.12 20.33 -21.00
C VAL A 479 -9.27 19.69 -21.75
N PHE A 480 -9.12 18.40 -22.04
CA PHE A 480 -10.18 17.62 -22.65
C PHE A 480 -11.10 17.11 -21.54
N ARG A 481 -11.77 18.05 -20.87
CA ARG A 481 -12.65 17.72 -19.76
C ARG A 481 -13.54 18.91 -19.39
N LYS A 482 -12.94 20.09 -19.30
CA LYS A 482 -13.66 21.30 -18.93
C LYS A 482 -14.53 21.83 -20.06
N ALA A 483 -14.34 21.28 -21.26
CA ALA A 483 -15.13 21.68 -22.42
C ALA A 483 -16.38 20.82 -22.56
N GLU A 484 -17.42 21.40 -23.13
CA GLU A 484 -18.68 20.69 -23.33
C GLU A 484 -18.47 19.58 -24.35
N ILE A 485 -18.43 19.97 -25.62
CA ILE A 485 -18.17 19.12 -26.80
C ILE A 485 -18.00 17.63 -26.50
N ASP A 486 -19.11 16.89 -26.56
CA ASP A 486 -19.08 15.47 -26.21
C ASP A 486 -18.21 14.63 -27.14
N GLU A 487 -18.15 13.34 -26.87
CA GLU A 487 -17.19 12.46 -27.53
C GLU A 487 -17.55 12.08 -28.95
N GLU A 488 -18.84 11.93 -29.24
CA GLU A 488 -19.25 11.32 -30.51
C GLU A 488 -19.56 12.29 -31.64
N GLN A 489 -19.37 13.58 -31.41
CA GLN A 489 -19.58 14.56 -32.48
C GLN A 489 -18.35 15.43 -32.66
N LEU A 490 -17.42 15.33 -31.71
CA LEU A 490 -16.14 16.02 -31.81
C LEU A 490 -15.36 15.48 -33.00
N ALA A 491 -15.28 14.17 -33.09
CA ALA A 491 -14.59 13.51 -34.21
C ALA A 491 -15.41 13.54 -35.50
N ALA A 492 -16.14 14.63 -35.68
CA ALA A 492 -16.87 14.89 -36.92
C ALA A 492 -16.39 16.23 -37.44
N ALA A 493 -15.96 17.07 -36.52
CA ALA A 493 -15.21 18.27 -36.86
C ALA A 493 -13.76 17.87 -36.98
N PRO A 494 -13.13 18.24 -38.09
CA PRO A 494 -11.79 17.75 -38.45
C PRO A 494 -10.65 18.57 -37.85
N VAL A 495 -9.43 18.23 -38.24
CA VAL A 495 -8.24 18.92 -37.77
C VAL A 495 -7.65 19.78 -38.87
N ILE A 496 -7.50 21.07 -38.60
CA ILE A 496 -6.87 21.97 -39.55
C ILE A 496 -5.68 22.65 -38.90
N ILE A 497 -4.49 22.19 -39.26
CA ILE A 497 -3.26 22.72 -38.69
C ILE A 497 -2.79 23.96 -39.45
N ARG A 498 -2.75 25.09 -38.77
CA ARG A 498 -2.36 26.34 -39.40
C ARG A 498 -1.12 26.97 -38.77
N GLU A 499 -0.74 26.49 -37.58
CA GLU A 499 0.39 27.07 -36.87
C GLU A 499 1.52 26.06 -36.66
N ASP A 500 2.73 26.57 -36.46
CA ASP A 500 3.93 25.74 -36.47
C ASP A 500 4.24 25.05 -35.14
N ARG A 501 3.39 25.24 -34.14
CA ARG A 501 3.53 24.49 -32.89
C ARG A 501 2.62 23.26 -32.93
N GLU A 502 1.48 23.42 -33.58
CA GLU A 502 0.56 22.30 -33.79
C GLU A 502 1.21 21.28 -34.70
N ALA A 503 1.93 21.78 -35.70
CA ALA A 503 2.62 20.91 -36.65
C ALA A 503 3.71 20.09 -35.96
N GLN A 504 4.46 20.74 -35.08
CA GLN A 504 5.49 20.06 -34.31
C GLN A 504 4.89 18.95 -33.47
N LEU A 505 3.82 19.29 -32.75
CA LEU A 505 3.13 18.34 -31.89
C LEU A 505 2.53 17.19 -32.69
N ALA A 506 1.76 17.52 -33.72
CA ALA A 506 1.10 16.51 -34.54
C ALA A 506 2.10 15.55 -35.17
N ALA A 507 3.26 16.07 -35.55
CA ALA A 507 4.32 15.26 -36.12
C ALA A 507 4.80 14.21 -35.12
N ARG A 508 5.20 14.68 -33.94
CA ARG A 508 5.72 13.81 -32.89
C ARG A 508 4.69 12.79 -32.45
N LEU A 509 3.43 13.21 -32.45
CA LEU A 509 2.32 12.33 -32.11
C LEU A 509 2.27 11.13 -33.05
N LEU A 510 2.54 11.38 -34.33
CA LEU A 510 2.49 10.34 -35.35
C LEU A 510 3.75 9.48 -35.35
N GLN A 511 4.78 9.94 -34.66
CA GLN A 511 6.04 9.20 -34.59
C GLN A 511 6.00 8.14 -33.49
N PHE A 512 4.80 7.81 -33.04
CA PHE A 512 4.60 6.83 -31.98
C PHE A 512 4.95 5.43 -32.45
N GLU A 513 4.63 5.13 -33.70
CA GLU A 513 4.91 3.80 -34.25
C GLU A 513 6.41 3.61 -34.47
N GLU A 514 7.10 4.67 -34.86
CA GLU A 514 8.54 4.62 -35.04
C GLU A 514 9.21 4.20 -33.75
N THR A 515 8.94 4.97 -32.69
CA THR A 515 9.51 4.72 -31.37
C THR A 515 9.22 3.30 -30.89
N LEU A 516 7.98 2.86 -31.10
CA LEU A 516 7.58 1.50 -30.73
C LEU A 516 8.41 0.46 -31.46
N THR A 517 8.63 0.69 -32.75
CA THR A 517 9.39 -0.24 -33.58
C THR A 517 10.87 -0.25 -33.19
N VAL A 518 11.36 0.86 -32.66
CA VAL A 518 12.75 0.93 -32.22
C VAL A 518 12.92 0.14 -30.92
N VAL A 519 11.95 0.30 -30.02
CA VAL A 519 11.96 -0.40 -28.74
C VAL A 519 11.91 -1.91 -28.96
N ALA A 520 11.02 -2.35 -29.84
CA ALA A 520 10.89 -3.77 -30.15
C ALA A 520 12.15 -4.31 -30.81
N ARG A 521 12.74 -3.51 -31.69
CA ARG A 521 13.92 -3.94 -32.43
C ARG A 521 15.15 -4.00 -31.53
N GLU A 522 15.42 -2.89 -30.84
CA GLU A 522 16.63 -2.75 -30.05
C GLU A 522 16.48 -3.33 -28.64
N GLY A 523 15.25 -3.51 -28.20
CA GLY A 523 15.00 -4.01 -26.85
C GLY A 523 15.28 -2.97 -25.80
N THR A 524 15.13 -1.70 -26.17
CA THR A 524 15.44 -0.58 -25.28
C THR A 524 14.22 0.30 -25.06
N PRO A 525 13.64 0.23 -23.85
CA PRO A 525 12.46 1.03 -23.49
C PRO A 525 12.77 2.49 -23.19
N HIS A 526 14.05 2.85 -23.09
CA HIS A 526 14.42 4.22 -22.75
C HIS A 526 14.03 5.18 -23.87
N VAL A 527 13.99 4.65 -25.10
CA VAL A 527 13.58 5.42 -26.25
C VAL A 527 12.12 5.87 -26.11
N MET A 528 11.28 4.95 -25.63
CA MET A 528 9.87 5.24 -25.43
C MET A 528 9.69 6.36 -24.42
N CYS A 529 10.42 6.27 -23.32
CA CYS A 529 10.35 7.26 -22.26
C CYS A 529 10.87 8.60 -22.74
N ALA A 530 12.00 8.58 -23.43
CA ALA A 530 12.59 9.79 -24.00
C ALA A 530 11.60 10.48 -24.92
N TYR A 531 10.91 9.67 -25.72
CA TYR A 531 9.86 10.17 -26.61
C TYR A 531 8.73 10.81 -25.82
N LEU A 532 8.25 10.09 -24.81
CA LEU A 532 7.12 10.55 -23.99
C LEU A 532 7.48 11.85 -23.26
N TYR A 533 8.70 11.93 -22.75
CA TYR A 533 9.17 13.16 -22.12
C TYR A 533 9.21 14.27 -23.17
N ASP A 534 9.70 13.91 -24.36
CA ASP A 534 9.82 14.87 -25.45
C ASP A 534 8.42 15.26 -25.92
N LEU A 535 7.50 14.31 -25.90
CA LEU A 535 6.14 14.54 -26.34
C LEU A 535 5.41 15.50 -25.40
N ALA A 536 5.72 15.41 -24.12
CA ALA A 536 5.08 16.25 -23.11
C ALA A 536 5.48 17.71 -23.27
N GLY A 537 6.77 17.94 -23.46
CA GLY A 537 7.30 19.29 -23.59
C GLY A 537 6.71 20.08 -24.74
N LEU A 538 6.34 19.38 -25.81
CA LEU A 538 5.70 20.01 -26.95
C LEU A 538 4.31 20.52 -26.56
N PHE A 539 3.56 19.69 -25.87
CA PHE A 539 2.23 20.07 -25.41
C PHE A 539 2.32 21.23 -24.42
N SER A 540 3.29 21.15 -23.51
CA SER A 540 3.47 22.17 -22.48
C SER A 540 3.98 23.48 -23.09
N GLY A 541 4.27 23.45 -24.39
CA GLY A 541 4.63 24.65 -25.11
C GLY A 541 3.53 25.02 -26.09
N PHE A 542 2.81 24.00 -26.52
CA PHE A 542 1.67 24.18 -27.41
C PHE A 542 0.49 24.76 -26.63
N TYR A 543 0.53 24.60 -25.32
CA TYR A 543 -0.55 25.05 -24.46
C TYR A 543 -0.43 26.52 -24.08
N GLU A 544 0.78 26.93 -23.68
CA GLU A 544 1.03 28.30 -23.24
C GLU A 544 1.21 29.24 -24.46
N HIS A 545 0.71 28.82 -25.61
CA HIS A 545 0.79 29.64 -26.81
C HIS A 545 -0.46 29.50 -27.68
N CYS A 546 -0.95 28.28 -27.82
CA CYS A 546 -2.11 28.01 -28.66
C CYS A 546 -3.32 27.64 -27.79
N PRO A 547 -4.23 28.61 -27.58
CA PRO A 547 -5.39 28.42 -26.71
C PRO A 547 -6.39 27.40 -27.23
N ILE A 548 -6.29 26.16 -26.74
CA ILE A 548 -7.32 25.16 -26.98
C ILE A 548 -8.57 25.61 -26.27
N LEU A 549 -8.34 26.30 -25.15
CA LEU A 549 -9.38 26.82 -24.27
C LEU A 549 -10.48 27.52 -25.06
N SER A 550 -10.16 28.69 -25.58
CA SER A 550 -11.10 29.48 -26.34
C SER A 550 -10.36 30.30 -27.39
N ALA A 551 -10.83 30.20 -28.64
CA ALA A 551 -10.19 30.91 -29.73
C ALA A 551 -11.21 31.68 -30.57
N GLU A 552 -10.79 32.11 -31.75
CA GLU A 552 -11.65 32.94 -32.60
C GLU A 552 -12.84 32.18 -33.17
N ASN A 553 -12.69 30.87 -33.36
CA ASN A 553 -13.78 30.07 -33.91
C ASN A 553 -13.78 28.61 -33.48
N GLU A 554 -14.91 27.95 -33.71
CA GLU A 554 -15.11 26.55 -33.32
C GLU A 554 -14.22 25.61 -34.12
N GLU A 555 -13.88 26.02 -35.34
CA GLU A 555 -13.08 25.22 -36.26
C GLU A 555 -11.76 24.76 -35.65
N VAL A 556 -11.12 25.65 -34.90
CA VAL A 556 -9.83 25.36 -34.29
C VAL A 556 -10.01 24.81 -32.87
N ARG A 557 -10.98 25.35 -32.15
CA ARG A 557 -11.30 24.92 -30.80
C ARG A 557 -11.40 23.40 -30.70
N ASN A 558 -12.17 22.82 -31.61
CA ASN A 558 -12.33 21.37 -31.65
C ASN A 558 -11.07 20.68 -32.17
N SER A 559 -10.39 21.32 -33.12
CA SER A 559 -9.20 20.76 -33.72
C SER A 559 -8.07 20.58 -32.71
N ARG A 560 -7.77 21.63 -31.96
CA ARG A 560 -6.72 21.56 -30.95
C ARG A 560 -7.11 20.65 -29.79
N LEU A 561 -8.41 20.50 -29.55
CA LEU A 561 -8.91 19.56 -28.57
C LEU A 561 -8.53 18.15 -28.99
N LYS A 562 -8.81 17.82 -30.24
CA LYS A 562 -8.48 16.51 -30.80
C LYS A 562 -6.96 16.31 -30.81
N LEU A 563 -6.23 17.37 -31.12
CA LEU A 563 -4.78 17.32 -31.15
C LEU A 563 -4.27 17.06 -29.74
N ALA A 564 -4.97 17.59 -28.75
CA ALA A 564 -4.65 17.37 -27.34
C ALA A 564 -5.17 16.01 -26.91
N GLN A 565 -6.34 15.64 -27.44
CA GLN A 565 -6.98 14.38 -27.12
C GLN A 565 -6.08 13.20 -27.49
N LEU A 566 -5.39 13.33 -28.62
CA LEU A 566 -4.52 12.27 -29.12
C LEU A 566 -3.34 12.00 -28.18
N THR A 567 -2.66 13.06 -27.74
CA THR A 567 -1.50 12.89 -26.88
C THR A 567 -1.88 12.21 -25.57
N ALA A 568 -3.08 12.54 -25.07
CA ALA A 568 -3.57 11.92 -23.86
C ALA A 568 -3.70 10.42 -24.05
N LYS A 569 -4.25 10.03 -25.20
CA LYS A 569 -4.35 8.62 -25.55
C LYS A 569 -2.98 8.05 -25.83
N THR A 570 -2.10 8.89 -26.37
CA THR A 570 -0.75 8.47 -26.72
C THR A 570 0.11 8.33 -25.47
N LEU A 571 0.05 9.33 -24.60
CA LEU A 571 0.79 9.30 -23.34
C LEU A 571 0.35 8.11 -22.49
N LYS A 572 -0.94 7.82 -22.52
CA LYS A 572 -1.48 6.69 -21.79
C LYS A 572 -0.90 5.38 -22.31
N LEU A 573 -1.06 5.17 -23.62
CA LEU A 573 -0.64 3.93 -24.26
C LEU A 573 0.87 3.75 -24.17
N GLY A 574 1.60 4.86 -24.22
CA GLY A 574 3.04 4.82 -24.09
C GLY A 574 3.47 4.39 -22.71
N LEU A 575 2.88 5.02 -21.70
CA LEU A 575 3.19 4.70 -20.30
C LEU A 575 2.74 3.28 -19.96
N ASP A 576 1.72 2.81 -20.67
CA ASP A 576 1.21 1.45 -20.48
C ASP A 576 2.25 0.41 -20.90
N THR A 577 2.93 0.66 -22.01
CA THR A 577 3.93 -0.27 -22.52
C THR A 577 5.14 -0.36 -21.60
N LEU A 578 5.27 0.62 -20.71
CA LEU A 578 6.37 0.66 -19.76
C LEU A 578 5.97 0.04 -18.43
N GLY A 579 4.66 -0.05 -18.21
CA GLY A 579 4.15 -0.56 -16.94
C GLY A 579 4.13 0.52 -15.88
N ILE A 580 3.61 1.70 -16.25
CA ILE A 580 3.54 2.81 -15.33
C ILE A 580 2.08 3.19 -15.10
N GLU A 581 1.67 3.21 -13.84
CA GLU A 581 0.30 3.59 -13.49
C GLU A 581 0.03 5.05 -13.85
N THR A 582 -1.20 5.32 -14.25
CA THR A 582 -1.60 6.67 -14.62
C THR A 582 -2.86 7.12 -13.86
N VAL A 583 -2.65 7.90 -12.81
CA VAL A 583 -3.76 8.48 -12.07
C VAL A 583 -4.47 9.49 -12.94
N GLU A 584 -5.79 9.59 -12.80
CA GLU A 584 -6.59 10.46 -13.63
C GLU A 584 -6.60 11.88 -13.09
N ARG A 585 -6.15 12.04 -11.85
CA ARG A 585 -6.27 13.34 -11.20
C ARG A 585 -5.26 13.54 -10.08
N MET A 586 -4.55 14.66 -10.12
CA MET A 586 -3.62 15.04 -9.06
C MET A 586 -3.99 16.37 -8.45
N MET C 10 -32.63 -0.31 21.07
CA MET C 10 -33.39 -1.11 22.03
C MET C 10 -32.49 -1.56 23.17
N ASN C 11 -32.70 -0.97 24.34
CA ASN C 11 -31.93 -1.33 25.53
C ASN C 11 -32.79 -2.17 26.47
N ILE C 12 -32.94 -3.44 26.13
CA ILE C 12 -33.79 -4.37 26.87
C ILE C 12 -33.45 -4.41 28.35
N GLN C 13 -32.16 -4.28 28.65
CA GLN C 13 -31.69 -4.27 30.03
C GLN C 13 -32.36 -3.14 30.81
N ALA C 14 -32.28 -1.93 30.27
CA ALA C 14 -32.85 -0.76 30.91
C ALA C 14 -34.36 -0.87 31.04
N LEU C 15 -34.99 -1.54 30.07
CA LEU C 15 -36.43 -1.77 30.10
C LEU C 15 -36.81 -2.60 31.31
N LEU C 16 -36.21 -3.77 31.43
CA LEU C 16 -36.48 -4.67 32.54
C LEU C 16 -35.96 -4.09 33.86
N SER C 17 -35.01 -3.18 33.76
CA SER C 17 -34.43 -2.56 34.95
C SER C 17 -35.41 -1.62 35.61
N GLU C 18 -36.32 -1.07 34.81
CA GLU C 18 -37.35 -0.17 35.33
C GLU C 18 -38.62 -0.94 35.60
N LYS C 19 -38.89 -1.93 34.75
CA LYS C 19 -40.07 -2.76 34.90
C LYS C 19 -39.99 -3.62 36.15
N VAL C 20 -38.82 -3.66 36.77
CA VAL C 20 -38.61 -4.40 38.01
C VAL C 20 -38.49 -3.46 39.21
N ARG C 21 -37.77 -2.35 39.04
CA ARG C 21 -37.64 -1.37 40.11
C ARG C 21 -39.01 -0.83 40.49
N GLN C 22 -39.74 -0.35 39.49
CA GLN C 22 -41.13 0.06 39.70
C GLN C 22 -42.03 -1.17 39.69
N ALA C 23 -41.62 -2.16 40.48
CA ALA C 23 -42.35 -3.40 40.66
C ALA C 23 -41.80 -4.04 41.92
N MET C 24 -40.59 -3.63 42.29
CA MET C 24 -40.02 -3.97 43.58
C MET C 24 -40.56 -2.99 44.62
N ILE C 25 -41.12 -1.88 44.12
CA ILE C 25 -41.76 -0.90 44.96
C ILE C 25 -42.96 -1.53 45.67
N ALA C 26 -43.62 -2.46 44.97
CA ALA C 26 -44.74 -3.18 45.54
C ALA C 26 -44.27 -4.29 46.48
N ALA C 27 -43.31 -3.95 47.33
CA ALA C 27 -42.78 -4.88 48.32
C ALA C 27 -42.18 -4.09 49.49
N GLY C 28 -42.42 -2.79 49.48
CA GLY C 28 -41.93 -1.92 50.53
C GLY C 28 -40.51 -1.44 50.31
N ALA C 29 -39.87 -1.95 49.27
CA ALA C 29 -38.48 -1.58 48.95
C ALA C 29 -38.39 -0.09 48.68
N PRO C 30 -37.41 0.59 49.31
CA PRO C 30 -37.27 2.05 49.29
C PRO C 30 -36.94 2.62 47.91
N ALA C 31 -36.69 3.93 47.88
CA ALA C 31 -36.40 4.65 46.65
C ALA C 31 -35.00 4.33 46.13
N ASP C 32 -33.98 4.57 46.96
CA ASP C 32 -32.61 4.24 46.58
C ASP C 32 -32.47 2.74 46.37
N CYS C 33 -32.97 2.27 45.24
CA CYS C 33 -33.09 0.84 44.99
C CYS C 33 -32.35 0.42 43.73
N GLU C 34 -31.87 -0.82 43.71
CA GLU C 34 -31.14 -1.34 42.57
C GLU C 34 -31.56 -2.78 42.27
N PRO C 35 -32.34 -2.96 41.20
CA PRO C 35 -32.76 -4.30 40.77
C PRO C 35 -31.59 -5.10 40.24
N GLN C 36 -30.52 -4.41 39.86
CA GLN C 36 -29.30 -5.02 39.35
C GLN C 36 -29.54 -6.14 38.36
N VAL C 37 -30.21 -5.81 37.26
CA VAL C 37 -30.47 -6.79 36.21
C VAL C 37 -29.42 -6.71 35.12
N ARG C 38 -28.78 -7.86 34.86
CA ARG C 38 -27.79 -7.96 33.80
C ARG C 38 -28.16 -9.09 32.87
N GLN C 39 -27.35 -9.28 31.85
CA GLN C 39 -27.54 -10.40 30.94
C GLN C 39 -27.18 -11.68 31.68
N SER C 40 -27.84 -12.77 31.32
CA SER C 40 -27.65 -14.05 32.00
C SER C 40 -26.22 -14.60 31.85
N ALA C 41 -25.89 -15.60 32.66
CA ALA C 41 -24.58 -16.22 32.61
C ALA C 41 -24.65 -17.50 31.79
N LYS C 42 -25.78 -18.19 31.89
CA LYS C 42 -26.01 -19.39 31.10
C LYS C 42 -27.31 -19.26 30.32
N VAL C 43 -27.46 -20.07 29.28
CA VAL C 43 -28.66 -20.04 28.47
C VAL C 43 -29.82 -20.68 29.23
N GLN C 44 -29.50 -21.38 30.31
CA GLN C 44 -30.52 -22.02 31.12
C GLN C 44 -31.04 -21.06 32.19
N PHE C 45 -30.44 -19.88 32.27
CA PHE C 45 -30.89 -18.85 33.19
C PHE C 45 -31.65 -17.76 32.45
N GLY C 46 -32.17 -18.11 31.27
CA GLY C 46 -32.91 -17.16 30.47
C GLY C 46 -32.00 -16.21 29.72
N ASP C 47 -32.55 -15.07 29.32
CA ASP C 47 -31.79 -14.08 28.58
C ASP C 47 -31.32 -12.96 29.51
N TYR C 48 -32.00 -12.80 30.64
CA TYR C 48 -31.64 -11.78 31.61
C TYR C 48 -31.90 -12.22 33.05
N GLN C 49 -31.02 -11.82 33.95
CA GLN C 49 -31.17 -12.10 35.38
C GLN C 49 -31.55 -10.83 36.12
N ALA C 50 -32.26 -10.98 37.23
CA ALA C 50 -32.46 -9.87 38.15
C ALA C 50 -31.83 -10.24 39.49
N ASN C 51 -30.73 -9.58 39.84
CA ASN C 51 -29.93 -9.97 41.00
C ASN C 51 -30.21 -9.16 42.26
N GLY C 52 -30.94 -8.06 42.13
CA GLY C 52 -31.11 -7.12 43.22
C GLY C 52 -31.92 -7.59 44.41
N MET C 53 -32.37 -8.84 44.39
CA MET C 53 -33.18 -9.38 45.48
C MET C 53 -32.41 -9.45 46.79
N MET C 54 -31.42 -10.34 46.83
CA MET C 54 -30.65 -10.67 48.03
C MET C 54 -30.39 -9.54 49.01
N ALA C 55 -29.61 -8.55 48.57
CA ALA C 55 -29.19 -7.45 49.43
C ALA C 55 -30.37 -6.66 50.01
N VAL C 56 -31.43 -6.55 49.22
CA VAL C 56 -32.64 -5.87 49.68
C VAL C 56 -33.35 -6.69 50.74
N ALA C 57 -33.39 -8.00 50.54
CA ALA C 57 -33.97 -8.92 51.51
C ALA C 57 -33.23 -8.83 52.84
N LYS C 58 -31.92 -8.63 52.76
CA LYS C 58 -31.13 -8.38 53.95
C LYS C 58 -31.45 -7.00 54.50
N LYS C 59 -31.60 -6.03 53.61
CA LYS C 59 -31.93 -4.67 54.00
C LYS C 59 -33.23 -4.64 54.81
N LEU C 60 -34.20 -5.44 54.40
CA LEU C 60 -35.44 -5.56 55.16
C LEU C 60 -35.67 -6.95 55.76
N GLY C 61 -34.64 -7.46 56.42
CA GLY C 61 -34.75 -8.62 57.29
C GLY C 61 -35.20 -9.95 56.72
N MET C 62 -36.22 -9.93 55.87
CA MET C 62 -36.88 -11.15 55.44
C MET C 62 -36.03 -12.08 54.57
N ALA C 63 -36.68 -13.12 54.05
CA ALA C 63 -36.02 -14.13 53.24
C ALA C 63 -36.13 -13.83 51.74
N PRO C 64 -35.02 -14.03 51.02
CA PRO C 64 -34.89 -13.72 49.59
C PRO C 64 -35.90 -14.44 48.69
N ARG C 65 -35.91 -15.77 48.73
CA ARG C 65 -36.80 -16.54 47.84
C ARG C 65 -38.26 -16.50 48.31
N GLN C 66 -38.56 -15.57 49.22
CA GLN C 66 -39.93 -15.24 49.52
C GLN C 66 -40.19 -13.84 49.00
N LEU C 67 -39.19 -12.97 49.20
CA LEU C 67 -39.20 -11.62 48.65
C LEU C 67 -39.16 -11.69 47.12
N ALA C 68 -38.59 -12.77 46.61
CA ALA C 68 -38.45 -12.97 45.17
C ALA C 68 -39.79 -13.00 44.44
N GLU C 69 -40.62 -14.01 44.75
CA GLU C 69 -41.93 -14.13 44.10
C GLU C 69 -42.95 -13.20 44.75
N GLN C 70 -42.53 -12.48 45.78
CA GLN C 70 -43.35 -11.43 46.36
C GLN C 70 -43.39 -10.27 45.38
N VAL C 71 -42.41 -10.25 44.48
CA VAL C 71 -42.32 -9.22 43.45
C VAL C 71 -43.01 -9.66 42.17
N LEU C 72 -42.85 -10.93 41.82
CA LEU C 72 -43.41 -11.49 40.59
C LEU C 72 -44.92 -11.32 40.53
N THR C 73 -45.55 -11.21 41.71
CA THR C 73 -46.99 -10.99 41.80
C THR C 73 -47.39 -9.72 41.07
N HIS C 74 -46.52 -8.72 41.11
CA HIS C 74 -46.81 -7.43 40.48
C HIS C 74 -46.07 -7.30 39.15
N LEU C 75 -45.04 -8.12 38.96
CA LEU C 75 -44.23 -8.06 37.75
C LEU C 75 -45.02 -8.49 36.53
N ASP C 76 -45.42 -7.51 35.72
CA ASP C 76 -46.17 -7.78 34.50
C ASP C 76 -45.25 -7.71 33.29
N LEU C 77 -44.76 -8.87 32.85
CA LEU C 77 -43.83 -8.91 31.73
C LEU C 77 -44.35 -9.71 30.54
N ASN C 78 -45.67 -9.91 30.48
CA ASN C 78 -46.24 -10.65 29.36
C ASN C 78 -46.06 -9.87 28.06
N GLY C 79 -45.67 -10.59 27.00
CA GLY C 79 -45.29 -9.94 25.77
C GLY C 79 -43.79 -9.67 25.79
N ILE C 80 -43.33 -8.97 26.82
CA ILE C 80 -41.91 -8.70 26.99
C ILE C 80 -41.18 -9.98 27.35
N ALA C 81 -41.81 -10.80 28.19
CA ALA C 81 -41.27 -12.09 28.58
C ALA C 81 -42.32 -13.17 28.41
N SER C 82 -41.93 -14.42 28.58
CA SER C 82 -42.85 -15.53 28.42
C SER C 82 -42.57 -16.64 29.42
N LYS C 83 -41.58 -16.43 30.27
CA LYS C 83 -41.17 -17.45 31.23
C LYS C 83 -40.31 -16.86 32.34
N VAL C 84 -40.95 -16.26 33.33
CA VAL C 84 -40.23 -15.72 34.48
C VAL C 84 -40.29 -16.70 35.64
N GLU C 85 -39.13 -17.20 36.06
CA GLU C 85 -39.07 -18.15 37.16
C GLU C 85 -37.90 -17.85 38.08
N ILE C 86 -37.87 -18.53 39.22
CA ILE C 86 -36.86 -18.25 40.24
C ILE C 86 -35.99 -19.46 40.51
N ALA C 87 -34.69 -19.22 40.66
CA ALA C 87 -33.75 -20.29 40.98
C ALA C 87 -32.66 -19.75 41.90
N GLY C 88 -31.96 -20.66 42.56
CA GLY C 88 -30.89 -20.29 43.46
C GLY C 88 -31.36 -19.50 44.66
N PRO C 89 -30.44 -18.77 45.31
CA PRO C 89 -30.72 -17.96 46.50
C PRO C 89 -31.74 -16.86 46.29
N GLY C 90 -32.27 -16.72 45.07
CA GLY C 90 -33.29 -15.72 44.80
C GLY C 90 -33.05 -14.89 43.56
N PHE C 91 -32.66 -15.55 42.48
CA PHE C 91 -32.49 -14.88 41.19
C PHE C 91 -33.80 -14.87 40.43
N ILE C 92 -34.22 -13.70 39.97
CA ILE C 92 -35.35 -13.61 39.08
C ILE C 92 -34.86 -13.76 37.63
N ASN C 93 -35.20 -14.89 37.03
CA ASN C 93 -34.70 -15.21 35.70
C ASN C 93 -35.74 -14.95 34.60
N ILE C 94 -35.50 -13.90 33.83
CA ILE C 94 -36.42 -13.51 32.76
C ILE C 94 -36.04 -14.15 31.43
N PHE C 95 -37.01 -14.84 30.83
CA PHE C 95 -36.82 -15.46 29.52
C PHE C 95 -37.62 -14.68 28.49
N LEU C 96 -36.93 -13.98 27.59
CA LEU C 96 -37.60 -13.13 26.61
C LEU C 96 -38.53 -13.90 25.69
N ASP C 97 -39.56 -13.22 25.20
CA ASP C 97 -40.62 -13.84 24.41
C ASP C 97 -40.36 -13.76 22.92
N PRO C 98 -40.34 -14.94 22.25
CA PRO C 98 -40.19 -15.03 20.80
C PRO C 98 -41.30 -14.30 20.04
N ALA C 99 -41.43 -13.00 20.30
CA ALA C 99 -42.40 -12.14 19.63
C ALA C 99 -42.01 -10.72 20.00
N PHE C 100 -41.43 -10.58 21.18
CA PHE C 100 -40.88 -9.32 21.64
C PHE C 100 -39.58 -9.04 20.88
N LEU C 101 -38.81 -10.10 20.67
CA LEU C 101 -37.55 -10.02 19.94
C LEU C 101 -37.81 -9.80 18.46
N ALA C 102 -38.73 -10.59 17.91
CA ALA C 102 -39.05 -10.54 16.50
C ALA C 102 -39.60 -9.18 16.10
N GLU C 103 -40.24 -8.52 17.06
CA GLU C 103 -40.84 -7.22 16.83
C GLU C 103 -39.76 -6.14 16.74
N HIS C 104 -38.69 -6.33 17.51
CA HIS C 104 -37.60 -5.35 17.57
C HIS C 104 -36.49 -5.66 16.58
N VAL C 105 -36.31 -6.93 16.24
CA VAL C 105 -35.43 -7.31 15.17
C VAL C 105 -35.95 -6.70 13.88
N GLN C 106 -37.27 -6.71 13.74
CA GLN C 106 -37.94 -6.18 12.58
C GLN C 106 -37.78 -4.66 12.46
N GLN C 107 -37.90 -3.96 13.58
CA GLN C 107 -37.86 -2.50 13.57
C GLN C 107 -36.44 -1.96 13.59
N ALA C 108 -35.49 -2.79 13.98
CA ALA C 108 -34.08 -2.40 13.95
C ALA C 108 -33.65 -2.18 12.51
N LEU C 109 -34.22 -2.98 11.61
CA LEU C 109 -33.91 -2.89 10.19
C LEU C 109 -34.41 -1.57 9.60
N ALA C 110 -35.54 -1.09 10.10
CA ALA C 110 -36.18 0.10 9.56
C ALA C 110 -35.39 1.38 9.85
N SER C 111 -34.38 1.26 10.70
CA SER C 111 -33.54 2.41 11.04
C SER C 111 -32.12 2.25 10.53
N ASP C 112 -31.48 3.37 10.23
CA ASP C 112 -30.09 3.36 9.77
C ASP C 112 -29.16 3.32 10.97
N ARG C 113 -29.74 3.43 12.16
CA ARG C 113 -28.97 3.34 13.39
C ARG C 113 -29.27 2.01 14.09
N LEU C 114 -29.98 1.14 13.39
CA LEU C 114 -30.34 -0.18 13.90
C LEU C 114 -31.15 -0.12 15.19
N GLY C 115 -31.82 1.00 15.42
CA GLY C 115 -32.68 1.16 16.57
C GLY C 115 -32.00 1.79 17.77
N VAL C 116 -30.68 1.92 17.70
CA VAL C 116 -29.91 2.51 18.79
C VAL C 116 -30.32 3.95 19.04
N ALA C 117 -31.02 4.16 20.16
CA ALA C 117 -31.55 5.47 20.50
C ALA C 117 -30.43 6.49 20.72
N THR C 118 -30.65 7.71 20.23
CA THR C 118 -29.70 8.79 20.42
C THR C 118 -29.88 9.37 21.83
N PRO C 119 -28.86 9.21 22.68
CA PRO C 119 -28.93 9.58 24.09
C PRO C 119 -28.99 11.08 24.32
N GLU C 120 -28.68 11.47 25.55
CA GLU C 120 -28.67 12.88 25.94
C GLU C 120 -27.46 13.55 25.31
N LYS C 121 -27.70 14.32 24.26
CA LYS C 121 -26.64 14.96 23.51
C LYS C 121 -25.77 15.86 24.40
N GLN C 122 -24.46 15.70 24.29
CA GLN C 122 -23.53 16.43 25.14
C GLN C 122 -22.32 16.96 24.38
N THR C 123 -21.23 17.16 25.12
CA THR C 123 -19.98 17.62 24.55
C THR C 123 -18.82 16.96 25.28
N ILE C 124 -18.18 15.99 24.63
CA ILE C 124 -17.09 15.23 25.25
C ILE C 124 -15.75 15.55 24.60
N VAL C 125 -14.70 15.63 25.41
CA VAL C 125 -13.35 15.82 24.90
C VAL C 125 -12.53 14.56 25.11
N VAL C 126 -11.92 14.07 24.03
CA VAL C 126 -11.09 12.87 24.12
C VAL C 126 -9.62 13.19 23.90
N ASP C 127 -8.80 12.81 24.86
CA ASP C 127 -7.37 13.07 24.80
C ASP C 127 -6.60 11.81 24.44
N TYR C 128 -6.10 11.75 23.21
CA TYR C 128 -5.41 10.54 22.74
C TYR C 128 -4.21 10.81 21.84
N SER C 129 -3.56 9.71 21.43
CA SER C 129 -2.37 9.75 20.59
C SER C 129 -1.22 10.51 21.25
N ALA C 130 -1.19 11.81 21.04
CA ALA C 130 -0.20 12.70 21.68
C ALA C 130 1.25 12.32 21.41
N PRO C 131 1.76 12.64 20.21
CA PRO C 131 3.16 12.40 19.87
C PRO C 131 4.01 13.64 20.15
N ASN C 132 5.31 13.53 19.88
CA ASN C 132 6.23 14.65 20.08
C ASN C 132 6.75 15.18 18.75
N VAL C 133 7.25 16.41 18.76
CA VAL C 133 7.80 17.00 17.55
C VAL C 133 9.28 16.63 17.40
N ALA C 134 9.82 16.85 16.20
CA ALA C 134 11.22 16.55 15.89
C ALA C 134 11.57 15.09 16.14
N LYS C 135 10.55 14.25 16.20
CA LYS C 135 10.72 12.82 16.42
C LYS C 135 9.74 12.04 15.57
N GLU C 136 10.25 11.08 14.80
CA GLU C 136 9.40 10.13 14.10
C GLU C 136 8.58 9.37 15.12
N MET C 137 7.28 9.27 14.89
CA MET C 137 6.38 8.69 15.88
C MET C 137 6.75 7.25 16.25
N HIS C 138 7.28 7.09 17.46
CA HIS C 138 7.59 5.78 18.00
C HIS C 138 6.31 4.98 18.22
N VAL C 139 6.45 3.68 18.47
CA VAL C 139 5.31 2.79 18.54
C VAL C 139 4.58 2.88 19.89
N GLY C 140 5.16 3.61 20.83
CA GLY C 140 4.58 3.73 22.15
C GLY C 140 3.28 4.51 22.21
N HIS C 141 2.94 5.20 21.13
CA HIS C 141 1.74 6.03 21.08
C HIS C 141 0.62 5.37 20.28
N LEU C 142 0.91 4.17 19.77
CA LEU C 142 -0.06 3.44 18.95
C LEU C 142 -1.29 3.05 19.76
N ARG C 143 -1.05 2.55 20.97
CA ARG C 143 -2.11 2.11 21.88
C ARG C 143 -3.08 3.25 22.17
N SER C 144 -2.54 4.41 22.51
CA SER C 144 -3.36 5.57 22.83
C SER C 144 -4.17 6.05 21.63
N THR C 145 -3.57 5.97 20.46
CA THR C 145 -4.18 6.47 19.23
C THR C 145 -5.40 5.64 18.85
N ILE C 146 -5.21 4.33 18.77
CA ILE C 146 -6.25 3.42 18.31
C ILE C 146 -7.47 3.41 19.21
N ILE C 147 -7.24 3.21 20.50
CA ILE C 147 -8.34 3.12 21.47
C ILE C 147 -9.10 4.43 21.57
N GLY C 148 -8.36 5.53 21.61
CA GLY C 148 -8.95 6.85 21.69
C GLY C 148 -9.87 7.13 20.51
N ASP C 149 -9.43 6.75 19.32
CA ASP C 149 -10.21 6.98 18.11
C ASP C 149 -11.47 6.13 18.14
N ALA C 150 -11.34 4.94 18.71
CA ALA C 150 -12.46 4.01 18.82
C ALA C 150 -13.54 4.61 19.73
N ALA C 151 -13.09 5.27 20.78
CA ALA C 151 -14.00 5.97 21.69
C ALA C 151 -14.68 7.11 20.95
N VAL C 152 -13.89 7.87 20.19
CA VAL C 152 -14.40 9.01 19.45
C VAL C 152 -15.47 8.57 18.44
N ARG C 153 -15.19 7.49 17.72
CA ARG C 153 -16.16 6.97 16.75
C ARG C 153 -17.44 6.50 17.44
N THR C 154 -17.28 5.83 18.57
CA THR C 154 -18.43 5.30 19.30
C THR C 154 -19.32 6.43 19.82
N LEU C 155 -18.70 7.42 20.43
CA LEU C 155 -19.43 8.56 20.97
C LEU C 155 -20.11 9.36 19.87
N GLU C 156 -19.41 9.54 18.75
CA GLU C 156 -19.94 10.31 17.63
C GLU C 156 -21.17 9.65 17.01
N PHE C 157 -21.16 8.33 16.95
CA PHE C 157 -22.30 7.58 16.43
C PHE C 157 -23.52 7.79 17.31
N LEU C 158 -23.26 8.01 18.60
CA LEU C 158 -24.34 8.23 19.56
C LEU C 158 -24.83 9.67 19.51
N GLY C 159 -24.20 10.46 18.65
CA GLY C 159 -24.70 11.80 18.34
C GLY C 159 -24.11 12.93 19.15
N HIS C 160 -23.15 12.61 20.03
CA HIS C 160 -22.55 13.61 20.89
C HIS C 160 -21.64 14.54 20.09
N LYS C 161 -21.17 15.60 20.73
CA LYS C 161 -20.20 16.50 20.12
C LYS C 161 -18.81 16.23 20.68
N VAL C 162 -18.05 15.42 19.96
CA VAL C 162 -16.72 15.01 20.42
C VAL C 162 -15.61 15.95 19.98
N ILE C 163 -14.83 16.42 20.95
CA ILE C 163 -13.66 17.24 20.66
C ILE C 163 -12.41 16.39 20.73
N ARG C 164 -11.80 16.14 19.57
CA ARG C 164 -10.56 15.40 19.53
C ARG C 164 -9.43 16.28 20.05
N ALA C 165 -8.67 15.76 21.01
CA ALA C 165 -7.61 16.54 21.63
C ALA C 165 -6.26 15.86 21.53
N ASN C 166 -5.38 16.42 20.72
CA ASN C 166 -4.06 15.86 20.50
C ASN C 166 -3.03 16.62 21.32
N HIS C 167 -2.78 16.14 22.53
CA HIS C 167 -1.86 16.80 23.44
C HIS C 167 -0.42 16.63 22.99
N VAL C 168 -0.06 17.28 21.89
CA VAL C 168 1.26 17.16 21.30
C VAL C 168 2.32 17.84 22.15
N GLY C 169 3.41 17.13 22.42
CA GLY C 169 4.53 17.71 23.14
C GLY C 169 5.27 18.73 22.29
N ASP C 170 4.62 19.86 22.04
CA ASP C 170 5.17 20.89 21.17
C ASP C 170 5.98 21.92 21.95
N TRP C 171 6.23 21.64 23.23
CA TRP C 171 6.98 22.57 24.06
C TRP C 171 7.90 21.85 25.03
N GLY C 172 8.96 22.53 25.43
CA GLY C 172 9.93 21.97 26.35
C GLY C 172 11.31 22.57 26.16
N THR C 173 12.26 22.15 26.98
CA THR C 173 13.61 22.67 26.92
C THR C 173 14.32 22.16 25.67
N GLN C 174 13.88 21.02 25.18
CA GLN C 174 14.52 20.34 24.05
C GLN C 174 14.66 21.19 22.79
N PHE C 175 13.82 22.22 22.66
CA PHE C 175 13.86 23.06 21.47
C PHE C 175 15.12 23.90 21.35
N GLY C 176 15.95 23.86 22.40
CA GLY C 176 17.25 24.49 22.35
C GLY C 176 18.12 23.81 21.31
N MET C 177 18.35 22.51 21.48
CA MET C 177 19.16 21.75 20.55
C MET C 177 18.46 21.57 19.20
N LEU C 178 17.16 21.78 19.18
CA LEU C 178 16.38 21.62 17.96
C LEU C 178 16.55 22.81 17.02
N ILE C 179 16.02 23.96 17.41
CA ILE C 179 16.05 25.15 16.56
C ILE C 179 17.48 25.59 16.26
N ALA C 180 18.38 25.38 17.21
CA ALA C 180 19.79 25.69 17.00
C ALA C 180 20.49 24.54 16.29
N TRP C 181 19.82 23.97 15.30
CA TRP C 181 20.33 22.87 14.49
C TRP C 181 19.54 22.89 13.20
N LEU C 182 18.38 23.52 13.25
CA LEU C 182 17.56 23.76 12.08
C LEU C 182 18.09 25.00 11.37
N GLU C 183 18.67 25.91 12.13
CA GLU C 183 19.37 27.05 11.57
C GLU C 183 20.66 26.56 10.91
N LYS C 184 21.05 25.34 11.26
CA LYS C 184 22.12 24.65 10.57
C LYS C 184 21.55 23.86 9.40
N GLN C 185 20.85 24.56 8.51
CA GLN C 185 20.31 23.93 7.30
C GLN C 185 21.22 24.19 6.11
N GLN C 186 22.25 23.36 6.00
CA GLN C 186 23.26 23.54 4.95
C GLN C 186 23.23 22.44 3.92
N GLN C 187 22.17 21.63 3.93
CA GLN C 187 21.96 20.64 2.89
C GLN C 187 21.66 21.41 1.60
N GLU C 188 20.61 22.22 1.66
CA GLU C 188 20.21 23.08 0.55
C GLU C 188 19.57 24.35 1.09
N ASN C 189 18.59 24.86 0.36
CA ASN C 189 17.87 26.06 0.79
C ASN C 189 16.88 25.75 1.89
N ALA C 190 16.13 26.76 2.30
CA ALA C 190 15.15 26.62 3.39
C ALA C 190 14.12 25.54 3.10
N GLY C 191 13.87 24.69 4.09
CA GLY C 191 12.91 23.61 3.94
C GLY C 191 13.38 22.32 4.60
N GLU C 192 12.43 21.51 5.04
CA GLU C 192 12.75 20.24 5.68
C GLU C 192 11.66 19.21 5.40
N MET C 193 12.08 17.98 5.10
CA MET C 193 11.13 16.89 4.90
C MET C 193 11.59 15.63 5.63
N GLU C 194 12.90 15.38 5.57
CA GLU C 194 13.50 14.22 6.20
C GLU C 194 13.78 14.48 7.67
N LEU C 195 13.13 13.70 8.53
CA LEU C 195 13.28 13.89 9.96
C LEU C 195 14.55 13.27 10.52
N ALA C 196 14.40 12.50 11.60
CA ALA C 196 15.52 11.91 12.31
C ALA C 196 16.52 12.95 12.81
N ASP C 197 16.00 14.01 13.43
CA ASP C 197 16.83 15.10 13.93
C ASP C 197 17.41 14.82 15.31
N LEU C 198 16.57 14.30 16.20
CA LEU C 198 16.94 14.16 17.62
C LEU C 198 18.12 13.22 17.85
N GLU C 199 18.05 12.01 17.31
CA GLU C 199 19.14 11.06 17.46
C GLU C 199 20.36 11.52 16.66
N GLY C 200 20.15 12.53 15.82
CA GLY C 200 21.20 13.03 14.94
C GLY C 200 22.26 13.88 15.61
N PHE C 201 21.87 14.78 16.49
CA PHE C 201 22.83 15.71 17.11
C PHE C 201 23.89 14.99 17.94
N ALA C 216 24.29 23.18 22.78
CA ALA C 216 24.97 23.56 24.02
C ALA C 216 24.66 25.01 24.37
N GLU C 217 25.65 25.72 24.89
CA GLU C 217 25.49 27.13 25.21
C GLU C 217 25.42 27.96 23.92
N ARG C 218 25.70 27.30 22.80
CA ARG C 218 25.44 27.88 21.49
C ARG C 218 23.93 27.84 21.26
N ALA C 219 23.30 26.77 21.72
CA ALA C 219 21.86 26.66 21.69
C ALA C 219 21.29 27.40 22.90
N ARG C 220 20.97 26.64 23.94
CA ARG C 220 20.46 27.15 25.23
C ARG C 220 19.76 28.50 25.22
N ASN C 221 20.52 29.56 24.98
CA ASN C 221 19.97 30.92 24.92
C ASN C 221 18.92 31.07 23.81
N TYR C 222 18.89 30.10 22.90
CA TYR C 222 17.84 30.04 21.90
C TYR C 222 16.48 29.83 22.56
N VAL C 223 16.47 29.12 23.68
CA VAL C 223 15.21 28.83 24.37
C VAL C 223 14.76 29.98 25.26
N VAL C 224 15.70 30.81 25.69
CA VAL C 224 15.35 31.98 26.49
C VAL C 224 14.74 33.04 25.58
N LYS C 225 15.04 32.91 24.29
CA LYS C 225 14.43 33.78 23.29
C LYS C 225 12.99 33.37 23.06
N LEU C 226 12.78 32.05 22.95
CA LEU C 226 11.49 31.51 22.56
C LEU C 226 10.46 31.46 23.68
N GLN C 227 10.89 30.98 24.85
CA GLN C 227 9.98 30.77 25.99
C GLN C 227 9.14 31.99 26.34
N SER C 228 9.68 33.17 26.06
CA SER C 228 8.95 34.41 26.27
C SER C 228 7.86 34.59 25.22
N GLY C 229 7.84 35.75 24.57
CA GLY C 229 6.94 36.01 23.48
C GLY C 229 7.73 36.35 22.23
N ASP C 230 8.49 35.38 21.75
CA ASP C 230 9.47 35.60 20.68
C ASP C 230 8.84 36.08 19.37
N GLU C 231 9.68 36.66 18.52
CA GLU C 231 9.24 37.21 17.25
C GLU C 231 9.39 36.20 16.11
N TYR C 232 10.60 35.70 15.91
CA TYR C 232 10.89 34.86 14.75
C TYR C 232 11.31 33.44 15.09
N PHE C 233 11.81 33.22 16.30
CA PHE C 233 12.13 31.88 16.76
C PHE C 233 10.85 31.07 16.90
N ARG C 234 9.75 31.77 17.14
CA ARG C 234 8.44 31.13 17.20
C ARG C 234 7.95 30.81 15.79
N GLU C 235 8.37 31.63 14.83
CA GLU C 235 8.07 31.37 13.44
C GLU C 235 8.88 30.18 12.95
N MET C 236 10.06 30.02 13.55
CA MET C 236 10.92 28.89 13.24
C MET C 236 10.57 27.71 14.15
N TRP C 237 9.61 27.93 15.04
CA TRP C 237 9.11 26.87 15.91
C TRP C 237 7.83 26.28 15.31
N ARG C 238 7.02 27.16 14.74
CA ARG C 238 5.72 26.78 14.19
C ARG C 238 5.88 26.08 12.83
N LYS C 239 7.08 25.61 12.54
CA LYS C 239 7.34 24.92 11.28
C LYS C 239 7.84 23.49 11.46
N LEU C 240 8.78 23.28 12.38
CA LEU C 240 9.27 21.93 12.63
C LEU C 240 8.25 21.13 13.45
N VAL C 241 7.28 21.85 14.02
CA VAL C 241 6.10 21.24 14.59
C VAL C 241 5.20 20.83 13.43
N ASP C 242 5.07 21.73 12.47
CA ASP C 242 4.27 21.49 11.28
C ASP C 242 4.83 20.33 10.46
N ILE C 243 6.14 20.23 10.38
CA ILE C 243 6.75 19.17 9.58
C ILE C 243 6.61 17.82 10.28
N THR C 244 6.54 17.84 11.60
CA THR C 244 6.37 16.60 12.35
C THR C 244 4.92 16.14 12.25
N MET C 245 3.99 17.06 12.51
CA MET C 245 2.57 16.74 12.48
C MET C 245 2.05 16.50 11.07
N THR C 246 2.89 16.75 10.07
CA THR C 246 2.51 16.48 8.70
C THR C 246 2.71 15.00 8.39
N GLN C 247 3.83 14.44 8.83
CA GLN C 247 4.09 13.02 8.62
C GLN C 247 3.25 12.16 9.56
N ASN C 248 2.89 12.72 10.72
CA ASN C 248 2.04 12.01 11.66
C ASN C 248 0.63 11.83 11.10
N GLN C 249 0.19 12.81 10.31
CA GLN C 249 -1.10 12.74 9.65
C GLN C 249 -1.09 11.61 8.64
N ILE C 250 0.07 11.41 8.00
CA ILE C 250 0.24 10.32 7.05
C ILE C 250 0.05 8.99 7.77
N THR C 251 0.66 8.87 8.94
CA THR C 251 0.55 7.66 9.74
C THR C 251 -0.89 7.46 10.21
N TYR C 252 -1.54 8.55 10.58
CA TYR C 252 -2.96 8.49 10.97
C TYR C 252 -3.79 8.04 9.78
N ASP C 253 -3.48 8.60 8.61
CA ASP C 253 -4.18 8.27 7.37
C ASP C 253 -4.02 6.80 7.04
N ARG C 254 -2.82 6.28 7.27
CA ARG C 254 -2.53 4.88 7.04
C ARG C 254 -3.30 4.02 8.03
N LEU C 255 -3.30 4.45 9.28
CA LEU C 255 -3.95 3.71 10.36
C LEU C 255 -5.46 3.85 10.32
N ASN C 256 -5.95 4.75 9.47
CA ASN C 256 -7.36 5.10 9.42
C ASN C 256 -7.85 5.65 10.75
N VAL C 257 -7.31 6.81 11.13
CA VAL C 257 -7.63 7.46 12.38
C VAL C 257 -8.20 8.87 12.13
N THR C 258 -9.30 9.20 12.80
CA THR C 258 -10.03 10.44 12.53
C THR C 258 -9.32 11.71 12.98
N LEU C 259 -8.11 11.58 13.50
CA LEU C 259 -7.32 12.74 13.93
C LEU C 259 -6.96 13.61 12.74
N THR C 260 -7.00 14.92 12.95
CA THR C 260 -6.55 15.88 11.96
C THR C 260 -5.57 16.84 12.60
N ARG C 261 -5.06 17.79 11.82
CA ARG C 261 -4.13 18.78 12.35
C ARG C 261 -4.88 19.85 13.13
N ASP C 262 -6.17 20.00 12.83
CA ASP C 262 -7.01 20.96 13.52
C ASP C 262 -7.24 20.55 14.98
N ASP C 263 -7.08 19.26 15.25
CA ASP C 263 -7.33 18.71 16.57
C ASP C 263 -6.09 18.76 17.45
N VAL C 264 -5.11 19.56 17.05
CA VAL C 264 -3.88 19.68 17.81
C VAL C 264 -3.98 20.79 18.86
N MET C 265 -3.90 20.39 20.12
CA MET C 265 -3.92 21.32 21.24
C MET C 265 -2.80 20.97 22.20
N GLY C 266 -1.57 21.33 21.82
CA GLY C 266 -0.38 20.91 22.54
C GLY C 266 -0.12 21.65 23.83
N GLU C 267 1.06 21.40 24.41
CA GLU C 267 1.45 22.00 25.67
C GLU C 267 1.65 23.52 25.53
N SER C 268 1.88 23.96 24.31
CA SER C 268 2.07 25.37 24.01
C SER C 268 0.85 26.19 24.40
N LEU C 269 -0.33 25.59 24.23
CA LEU C 269 -1.57 26.24 24.62
C LEU C 269 -1.61 26.39 26.14
N TYR C 270 -1.31 25.29 26.83
CA TYR C 270 -1.34 25.26 28.28
C TYR C 270 0.02 25.67 28.84
N ASN C 271 0.41 26.91 28.57
CA ASN C 271 1.69 27.42 29.05
C ASN C 271 1.65 28.90 29.44
N PRO C 272 1.01 29.75 28.63
CA PRO C 272 0.83 31.11 29.11
C PRO C 272 -0.26 31.19 30.19
N MET C 273 -0.94 30.07 30.42
CA MET C 273 -1.99 30.01 31.44
C MET C 273 -1.38 29.73 32.82
N LEU C 274 -0.15 29.21 32.81
CA LEU C 274 0.52 28.79 34.03
C LEU C 274 0.82 29.85 35.10
N PRO C 275 0.97 31.14 34.72
CA PRO C 275 1.08 32.12 35.81
C PRO C 275 -0.17 32.21 36.67
N GLY C 276 -1.26 32.69 36.10
CA GLY C 276 -2.50 32.91 36.84
C GLY C 276 -3.01 31.66 37.54
N ILE C 277 -2.76 30.50 36.95
CA ILE C 277 -3.17 29.24 37.54
C ILE C 277 -2.45 28.97 38.86
N VAL C 278 -1.15 29.23 38.86
CA VAL C 278 -0.37 29.04 40.08
C VAL C 278 -0.51 30.28 40.98
N ALA C 279 -1.09 31.33 40.43
CA ALA C 279 -1.31 32.56 41.19
C ALA C 279 -2.65 32.52 41.91
N ASP C 280 -3.69 32.13 41.19
CA ASP C 280 -5.02 32.02 41.77
C ASP C 280 -5.06 30.85 42.75
N LEU C 281 -4.05 29.99 42.67
CA LEU C 281 -3.90 28.87 43.58
C LEU C 281 -3.29 29.35 44.89
N LYS C 282 -2.90 30.62 44.92
CA LYS C 282 -2.40 31.25 46.15
C LYS C 282 -3.49 32.11 46.75
N ALA C 283 -4.29 32.73 45.89
CA ALA C 283 -5.39 33.59 46.34
C ALA C 283 -6.61 32.76 46.73
N LYS C 284 -6.36 31.58 47.26
CA LYS C 284 -7.41 30.70 47.76
C LYS C 284 -6.90 29.94 48.98
N GLY C 285 -5.61 30.09 49.25
CA GLY C 285 -4.99 29.43 50.39
C GLY C 285 -4.91 27.93 50.22
N LEU C 286 -4.19 27.47 49.19
CA LEU C 286 -4.04 26.06 48.92
C LEU C 286 -2.60 25.67 48.68
N ALA C 287 -1.83 26.59 48.11
CA ALA C 287 -0.43 26.33 47.82
C ALA C 287 0.48 27.06 48.80
N VAL C 288 1.56 26.40 49.20
CA VAL C 288 2.51 26.98 50.14
C VAL C 288 3.95 26.78 49.67
N GLU C 289 4.74 27.85 49.74
CA GLU C 289 6.13 27.79 49.35
C GLU C 289 6.88 26.81 50.25
N SER C 290 7.46 25.78 49.66
CA SER C 290 8.15 24.75 50.43
C SER C 290 9.40 24.26 49.73
N GLU C 291 10.42 23.89 50.51
CA GLU C 291 11.72 23.44 50.00
C GLU C 291 12.39 24.50 49.13
N GLY C 292 11.65 25.01 48.15
CA GLY C 292 12.05 26.10 47.31
C GLY C 292 10.94 26.27 46.30
N ALA C 293 9.98 25.35 46.37
CA ALA C 293 8.94 25.22 45.37
C ALA C 293 7.65 25.95 45.74
N THR C 294 6.55 25.50 45.11
CA THR C 294 5.22 26.02 45.38
C THR C 294 4.29 24.82 45.42
N VAL C 295 3.82 24.45 46.60
CA VAL C 295 3.23 23.14 46.82
C VAL C 295 1.82 23.15 47.41
N VAL C 296 0.94 22.34 46.80
CA VAL C 296 -0.41 22.12 47.30
C VAL C 296 -0.51 20.77 48.01
N PHE C 297 -1.15 20.75 49.17
CA PHE C 297 -1.32 19.53 49.96
C PHE C 297 -2.69 18.89 49.74
N LEU C 298 -2.70 17.56 49.60
CA LEU C 298 -3.93 16.83 49.34
C LEU C 298 -4.17 15.73 50.38
N ASP C 299 -5.30 15.06 50.26
CA ASP C 299 -5.70 14.04 51.24
C ASP C 299 -5.49 12.62 50.74
N GLU C 300 -4.25 12.26 50.45
CA GLU C 300 -3.89 10.90 50.09
C GLU C 300 -2.39 10.67 50.18
N PRO C 308 1.92 12.70 54.69
CA PRO C 308 1.67 13.02 53.28
C PRO C 308 2.69 14.00 52.72
N MET C 309 3.18 13.73 51.51
CA MET C 309 4.08 14.64 50.83
C MET C 309 3.25 15.59 49.98
N GLY C 310 3.80 16.76 49.67
CA GLY C 310 3.09 17.75 48.91
C GLY C 310 3.10 17.49 47.43
N VAL C 311 2.45 18.38 46.68
CA VAL C 311 2.37 18.27 45.23
C VAL C 311 3.06 19.45 44.56
N ILE C 312 4.25 19.20 44.04
CA ILE C 312 5.06 20.25 43.44
C ILE C 312 4.48 20.72 42.12
N ILE C 313 4.16 22.01 42.03
CA ILE C 313 3.62 22.57 40.80
C ILE C 313 4.51 23.67 40.24
N GLN C 314 5.67 23.86 40.86
CA GLN C 314 6.68 24.78 40.36
C GLN C 314 7.97 24.61 41.15
N LYS C 315 9.03 24.19 40.48
CA LYS C 315 10.32 23.96 41.14
C LYS C 315 10.90 25.25 41.73
N LYS C 316 12.00 25.11 42.47
CA LYS C 316 12.65 26.25 43.08
C LYS C 316 13.13 27.23 42.02
N ASP C 317 13.52 26.70 40.88
CA ASP C 317 14.02 27.49 39.77
C ASP C 317 12.87 28.02 38.92
N GLY C 318 11.65 27.89 39.42
CA GLY C 318 10.48 28.31 38.68
C GLY C 318 10.06 27.26 37.68
N GLY C 319 10.69 26.08 37.78
CA GLY C 319 10.43 25.00 36.85
C GLY C 319 9.05 24.38 37.03
N TYR C 320 8.17 24.64 36.07
CA TYR C 320 6.83 24.06 36.07
C TYR C 320 6.92 22.56 35.78
N LEU C 321 5.88 21.83 36.15
CA LEU C 321 5.87 20.38 35.97
C LEU C 321 4.77 19.94 35.02
N TYR C 322 4.70 18.64 34.76
CA TYR C 322 3.61 18.06 33.99
C TYR C 322 2.30 18.34 34.70
N THR C 323 2.31 18.19 36.01
CA THR C 323 1.13 18.41 36.84
C THR C 323 0.61 19.83 36.68
N THR C 324 1.53 20.78 36.51
CA THR C 324 1.15 22.18 36.35
C THR C 324 0.52 22.40 34.98
N THR C 325 0.83 21.52 34.04
CA THR C 325 0.24 21.60 32.70
C THR C 325 -1.01 20.76 32.65
N ASP C 326 -1.03 19.69 33.44
CA ASP C 326 -2.20 18.83 33.54
C ASP C 326 -3.38 19.56 34.16
N ILE C 327 -3.09 20.49 35.07
CA ILE C 327 -4.15 21.22 35.77
C ILE C 327 -4.75 22.35 34.93
N ALA C 328 -3.90 23.05 34.19
CA ALA C 328 -4.37 24.12 33.32
C ALA C 328 -5.17 23.53 32.17
N CYS C 329 -4.84 22.29 31.81
CA CYS C 329 -5.51 21.59 30.73
C CYS C 329 -6.96 21.25 31.11
N ALA C 330 -7.14 20.72 32.31
CA ALA C 330 -8.46 20.30 32.78
C ALA C 330 -9.41 21.48 32.90
N LYS C 331 -8.85 22.66 33.15
CA LYS C 331 -9.64 23.89 33.27
C LYS C 331 -10.13 24.36 31.91
N TYR C 332 -9.21 24.41 30.96
CA TYR C 332 -9.50 24.89 29.60
C TYR C 332 -10.62 24.08 28.96
N ARG C 333 -10.71 22.81 29.32
CA ARG C 333 -11.74 21.92 28.79
C ARG C 333 -13.12 22.38 29.22
N TYR C 334 -13.28 22.64 30.51
CA TYR C 334 -14.57 23.08 31.04
C TYR C 334 -14.81 24.56 30.72
N GLU C 335 -13.79 25.37 30.92
CA GLU C 335 -13.92 26.82 30.78
C GLU C 335 -14.27 27.26 29.36
N THR C 336 -13.37 27.01 28.42
CA THR C 336 -13.53 27.52 27.07
C THR C 336 -14.21 26.52 26.12
N LEU C 337 -13.96 25.23 26.33
CA LEU C 337 -14.46 24.21 25.42
C LEU C 337 -15.85 23.68 25.77
N HIS C 338 -16.40 24.16 26.89
CA HIS C 338 -17.74 23.77 27.33
C HIS C 338 -17.90 22.26 27.47
N ALA C 339 -16.98 21.64 28.22
CA ALA C 339 -16.97 20.18 28.34
C ALA C 339 -18.03 19.67 29.32
N ASP C 340 -18.53 18.47 29.04
CA ASP C 340 -19.43 17.78 29.96
C ASP C 340 -18.71 16.57 30.52
N ARG C 341 -17.55 16.27 29.94
CA ARG C 341 -16.83 15.04 30.23
C ARG C 341 -15.53 15.05 29.43
N VAL C 342 -14.42 14.72 30.09
CA VAL C 342 -13.13 14.69 29.41
C VAL C 342 -12.42 13.35 29.61
N LEU C 343 -12.33 12.56 28.53
CA LEU C 343 -11.65 11.29 28.59
C LEU C 343 -10.16 11.44 28.33
N TYR C 344 -9.35 10.73 29.13
CA TYR C 344 -7.90 10.79 29.01
C TYR C 344 -7.33 9.42 28.69
N TYR C 345 -7.10 9.14 27.40
CA TYR C 345 -6.51 7.87 27.00
C TYR C 345 -4.99 7.97 26.90
N ILE C 346 -4.32 8.01 28.07
CA ILE C 346 -2.87 8.10 28.09
C ILE C 346 -2.21 6.95 28.88
N ASP C 347 -0.90 7.05 29.04
CA ASP C 347 -0.10 6.02 29.70
C ASP C 347 -0.51 5.80 31.15
N SER C 348 -0.12 4.66 31.71
CA SER C 348 -0.38 4.34 33.11
C SER C 348 0.71 4.91 34.00
N ARG C 349 1.83 5.28 33.38
CA ARG C 349 2.96 5.84 34.13
C ARG C 349 2.65 7.22 34.68
N GLN C 350 1.54 7.80 34.24
CA GLN C 350 1.19 9.16 34.62
C GLN C 350 -0.07 9.22 35.48
N HIS C 351 -0.45 8.08 36.05
CA HIS C 351 -1.66 8.02 36.87
C HIS C 351 -1.49 8.81 38.16
N GLN C 352 -0.31 8.70 38.77
CA GLN C 352 0.01 9.49 39.95
C GLN C 352 -0.04 10.98 39.61
N HIS C 353 0.66 11.35 38.55
CA HIS C 353 0.80 12.74 38.16
C HIS C 353 -0.49 13.34 37.59
N LEU C 354 -1.55 12.54 37.53
CA LEU C 354 -2.81 13.03 36.96
C LEU C 354 -3.93 13.16 37.99
N MET C 355 -4.11 12.12 38.82
CA MET C 355 -5.15 12.16 39.84
C MET C 355 -4.87 13.25 40.87
N GLN C 356 -3.59 13.52 41.09
CA GLN C 356 -3.17 14.57 42.01
C GLN C 356 -3.65 15.93 41.51
N ALA C 357 -3.29 16.24 40.26
CA ALA C 357 -3.69 17.51 39.65
C ALA C 357 -5.21 17.58 39.50
N TRP C 358 -5.85 16.42 39.39
CA TRP C 358 -7.30 16.35 39.26
C TRP C 358 -7.97 16.48 40.61
N ALA C 359 -7.20 16.28 41.68
CA ALA C 359 -7.70 16.51 43.02
C ALA C 359 -7.58 18.00 43.32
N ILE C 360 -6.62 18.65 42.67
CA ILE C 360 -6.37 20.06 42.88
C ILE C 360 -7.39 20.92 42.12
N VAL C 361 -7.87 20.42 40.98
CA VAL C 361 -8.90 21.14 40.24
C VAL C 361 -10.24 21.06 40.96
N ARG C 362 -10.44 20.00 41.75
CA ARG C 362 -11.73 19.78 42.40
C ARG C 362 -11.80 20.40 43.79
N LYS C 363 -10.64 20.59 44.41
CA LYS C 363 -10.57 21.32 45.67
C LYS C 363 -10.06 22.73 45.43
N ALA C 364 -10.51 23.33 44.33
CA ALA C 364 -10.16 24.71 43.99
C ALA C 364 -11.19 25.29 43.03
N GLY C 365 -12.21 24.50 42.72
CA GLY C 365 -13.33 24.95 41.92
C GLY C 365 -13.01 25.49 40.54
N TYR C 366 -12.33 24.68 39.73
CA TYR C 366 -12.08 25.03 38.33
C TYR C 366 -13.07 24.31 37.42
N VAL C 367 -12.94 22.99 37.37
CA VAL C 367 -13.89 22.13 36.68
C VAL C 367 -14.74 21.41 37.73
N PRO C 368 -16.08 21.51 37.60
CA PRO C 368 -17.07 21.04 38.58
C PRO C 368 -17.04 19.54 38.89
N GLU C 369 -18.19 19.03 39.29
CA GLU C 369 -18.33 17.64 39.73
C GLU C 369 -19.19 16.82 38.75
N SER C 370 -20.04 17.50 37.99
CA SER C 370 -20.92 16.82 37.05
C SER C 370 -20.19 16.51 35.76
N VAL C 371 -19.00 17.07 35.60
CA VAL C 371 -18.17 16.78 34.45
C VAL C 371 -16.97 15.94 34.88
N PRO C 372 -17.00 14.65 34.53
CA PRO C 372 -15.99 13.68 34.97
C PRO C 372 -14.68 13.83 34.21
N LEU C 373 -13.58 13.60 34.91
CA LEU C 373 -12.27 13.53 34.27
C LEU C 373 -11.79 12.09 34.34
N GLU C 374 -12.21 11.29 33.37
CA GLU C 374 -11.88 9.87 33.37
C GLU C 374 -10.45 9.63 32.87
N HIS C 375 -9.82 8.60 33.40
CA HIS C 375 -8.47 8.24 33.00
C HIS C 375 -8.38 6.77 32.62
N HIS C 376 -8.40 6.49 31.32
CA HIS C 376 -8.21 5.14 30.82
C HIS C 376 -6.74 4.91 30.53
N MET C 377 -6.25 3.73 30.87
CA MET C 377 -4.81 3.49 30.88
C MET C 377 -4.37 2.17 30.27
N PHE C 378 -3.05 2.04 30.12
CA PHE C 378 -2.43 0.87 29.51
C PHE C 378 -0.94 0.94 29.81
N GLY C 379 -0.29 -0.22 29.90
CA GLY C 379 1.11 -0.26 30.28
C GLY C 379 2.05 -0.17 29.08
N MET C 380 3.30 -0.52 29.31
CA MET C 380 4.30 -0.52 28.25
C MET C 380 4.01 -1.63 27.25
N MET C 381 4.68 -1.59 26.10
CA MET C 381 4.46 -2.55 25.04
C MET C 381 5.59 -3.57 24.98
N LEU C 382 5.23 -4.86 25.02
CA LEU C 382 6.22 -5.92 25.06
C LEU C 382 6.14 -6.84 23.86
N GLY C 383 7.22 -7.58 23.63
CA GLY C 383 7.24 -8.62 22.62
C GLY C 383 6.85 -9.94 23.27
N LYS C 384 6.79 -11.01 22.49
CA LYS C 384 6.34 -12.30 23.01
C LYS C 384 7.34 -12.98 23.95
N ASP C 385 7.85 -12.21 24.91
CA ASP C 385 8.83 -12.72 25.87
C ASP C 385 8.96 -11.84 27.11
N GLY C 386 8.09 -10.85 27.24
CA GLY C 386 8.11 -9.97 28.40
C GLY C 386 9.15 -8.87 28.26
N LYS C 387 9.93 -8.93 27.19
CA LYS C 387 10.92 -7.91 26.89
C LYS C 387 10.23 -6.73 26.21
N PRO C 388 10.60 -5.49 26.61
CA PRO C 388 10.07 -4.28 25.97
C PRO C 388 10.20 -4.34 24.46
N PHE C 389 9.17 -3.91 23.76
CA PHE C 389 9.09 -4.05 22.31
C PHE C 389 10.22 -3.33 21.59
N LYS C 390 11.24 -4.08 21.21
CA LYS C 390 12.38 -3.52 20.50
C LYS C 390 12.50 -4.15 19.12
N THR C 391 13.52 -3.73 18.37
CA THR C 391 13.75 -4.25 17.03
C THR C 391 14.39 -5.64 17.10
N ARG C 392 15.28 -5.91 16.15
CA ARG C 392 16.09 -7.11 16.18
C ARG C 392 17.49 -6.72 16.65
N ALA C 393 17.71 -5.42 16.76
CA ALA C 393 18.98 -4.89 17.25
C ALA C 393 18.81 -4.20 18.59
N GLY C 394 17.56 -4.11 19.05
CA GLY C 394 17.27 -3.56 20.36
C GLY C 394 17.00 -2.07 20.35
N GLY C 395 16.33 -1.60 19.30
CA GLY C 395 15.97 -0.20 19.19
C GLY C 395 14.48 0.01 19.29
N THR C 396 14.06 1.26 19.43
CA THR C 396 12.65 1.58 19.53
C THR C 396 11.99 1.52 18.16
N VAL C 397 11.02 0.62 18.04
CA VAL C 397 10.33 0.41 16.77
C VAL C 397 9.55 1.64 16.31
N LYS C 398 9.83 2.07 15.08
CA LYS C 398 9.12 3.18 14.49
C LYS C 398 7.77 2.69 13.98
N LEU C 399 6.73 3.47 14.25
CA LEU C 399 5.36 3.07 13.90
C LEU C 399 5.20 2.85 12.40
N ALA C 400 5.89 3.65 11.59
CA ALA C 400 5.84 3.50 10.14
C ALA C 400 6.35 2.12 9.72
N ASP C 401 7.47 1.72 10.29
CA ASP C 401 8.08 0.43 9.97
C ASP C 401 7.20 -0.74 10.39
N LEU C 402 6.47 -0.54 11.49
CA LEU C 402 5.55 -1.55 11.99
C LEU C 402 4.41 -1.78 11.01
N LEU C 403 3.89 -0.67 10.47
CA LEU C 403 2.76 -0.72 9.54
C LEU C 403 3.20 -1.35 8.22
N ASP C 404 4.47 -1.19 7.89
CA ASP C 404 5.04 -1.78 6.68
C ASP C 404 5.10 -3.29 6.81
N GLU C 405 5.53 -3.75 7.98
CA GLU C 405 5.64 -5.18 8.22
C GLU C 405 4.26 -5.82 8.34
N ALA C 406 3.32 -5.08 8.93
CA ALA C 406 1.95 -5.53 9.06
C ALA C 406 1.36 -5.74 7.67
N LEU C 407 1.60 -4.79 6.79
CA LEU C 407 1.12 -4.87 5.42
C LEU C 407 1.77 -6.04 4.68
N GLU C 408 3.06 -6.24 4.91
CA GLU C 408 3.78 -7.32 4.23
C GLU C 408 3.34 -8.70 4.71
N ARG C 409 3.22 -8.87 6.02
CA ARG C 409 2.83 -10.15 6.58
C ARG C 409 1.36 -10.45 6.26
N ALA C 410 0.61 -9.41 5.96
CA ALA C 410 -0.78 -9.57 5.53
C ALA C 410 -0.79 -10.04 4.09
N ARG C 411 0.14 -9.50 3.30
CA ARG C 411 0.25 -9.87 1.89
C ARG C 411 0.55 -11.36 1.76
N ARG C 412 1.49 -11.84 2.57
CA ARG C 412 1.83 -13.26 2.60
C ARG C 412 0.63 -14.07 3.06
N LEU C 413 -0.12 -13.53 4.02
CA LEU C 413 -1.25 -14.22 4.60
C LEU C 413 -2.37 -14.41 3.59
N VAL C 414 -2.62 -13.39 2.78
CA VAL C 414 -3.70 -13.44 1.78
C VAL C 414 -3.27 -14.20 0.53
N ALA C 415 -2.09 -13.87 0.01
CA ALA C 415 -1.56 -14.55 -1.17
C ALA C 415 -1.06 -15.95 -0.81
N GLU C 416 -1.95 -16.75 -0.24
CA GLU C 416 -1.64 -18.10 0.19
C GLU C 416 -2.96 -18.86 0.27
N LYS C 417 -3.97 -18.20 0.83
CA LYS C 417 -5.32 -18.73 0.86
C LYS C 417 -5.83 -18.82 -0.56
N ASN C 418 -5.62 -17.73 -1.31
CA ASN C 418 -5.97 -17.70 -2.73
C ASN C 418 -4.93 -16.94 -3.56
N PRO C 419 -3.83 -17.62 -3.89
CA PRO C 419 -2.83 -17.05 -4.80
C PRO C 419 -3.37 -16.99 -6.22
N ASP C 420 -2.56 -16.49 -7.16
CA ASP C 420 -2.99 -16.29 -8.54
C ASP C 420 -4.17 -15.31 -8.64
N MET C 421 -4.39 -14.57 -7.56
CA MET C 421 -5.46 -13.57 -7.54
C MET C 421 -4.86 -12.17 -7.69
N PRO C 422 -5.48 -11.34 -8.55
CA PRO C 422 -5.03 -10.06 -9.13
C PRO C 422 -3.83 -9.38 -8.47
N ALA C 423 -4.04 -8.15 -8.01
CA ALA C 423 -2.99 -7.35 -7.40
C ALA C 423 -3.64 -6.19 -6.66
N ASP C 424 -4.72 -5.68 -7.22
CA ASP C 424 -5.51 -4.65 -6.57
C ASP C 424 -6.21 -5.27 -5.39
N GLU C 425 -6.96 -6.35 -5.65
CA GLU C 425 -7.59 -7.11 -4.58
C GLU C 425 -6.54 -8.00 -3.91
N LEU C 426 -5.48 -7.35 -3.43
CA LEU C 426 -4.39 -8.02 -2.76
C LEU C 426 -3.71 -6.95 -1.93
N GLU C 427 -3.85 -5.71 -2.35
CA GLU C 427 -3.41 -4.56 -1.59
C GLU C 427 -4.61 -3.94 -0.89
N LYS C 428 -5.79 -4.12 -1.49
CA LYS C 428 -7.03 -3.70 -0.88
C LYS C 428 -7.31 -4.54 0.36
N LEU C 429 -7.06 -5.85 0.24
CA LEU C 429 -7.25 -6.77 1.36
C LEU C 429 -6.16 -6.59 2.41
N ALA C 430 -4.92 -6.81 2.01
CA ALA C 430 -3.77 -6.72 2.91
C ALA C 430 -3.73 -5.43 3.70
N ASN C 431 -4.27 -4.35 3.13
CA ASN C 431 -4.44 -3.12 3.87
C ASN C 431 -5.43 -3.31 5.00
N ALA C 432 -6.63 -3.76 4.64
CA ALA C 432 -7.69 -3.99 5.61
C ALA C 432 -7.29 -5.05 6.63
N VAL C 433 -6.86 -6.20 6.15
CA VAL C 433 -6.45 -7.30 7.01
C VAL C 433 -5.25 -6.91 7.86
N GLY C 434 -4.31 -6.19 7.27
CA GLY C 434 -3.08 -5.84 7.94
C GLY C 434 -3.24 -4.80 9.04
N ILE C 435 -3.69 -3.61 8.68
CA ILE C 435 -3.83 -2.53 9.66
C ILE C 435 -5.00 -2.77 10.61
N GLY C 436 -5.99 -3.52 10.16
CA GLY C 436 -7.13 -3.87 10.99
C GLY C 436 -6.69 -4.76 12.13
N ALA C 437 -5.82 -5.71 11.81
CA ALA C 437 -5.26 -6.61 12.81
C ALA C 437 -4.43 -5.82 13.82
N VAL C 438 -3.72 -4.81 13.34
CA VAL C 438 -2.91 -3.95 14.20
C VAL C 438 -3.77 -3.20 15.21
N LYS C 439 -4.92 -2.75 14.75
CA LYS C 439 -5.86 -2.03 15.60
C LYS C 439 -6.64 -3.00 16.49
N TYR C 440 -7.30 -3.97 15.86
CA TYR C 440 -8.04 -5.00 16.58
C TYR C 440 -7.07 -5.94 17.28
N ALA C 441 -6.30 -5.40 18.22
CA ALA C 441 -5.33 -6.16 19.00
C ALA C 441 -5.01 -5.36 20.25
N ASP C 442 -5.13 -4.05 20.14
CA ASP C 442 -5.10 -3.16 21.29
C ASP C 442 -6.53 -2.89 21.71
N LEU C 443 -7.45 -3.17 20.80
CA LEU C 443 -8.87 -2.96 21.03
C LEU C 443 -9.52 -4.13 21.74
N SER C 444 -8.71 -5.02 22.30
CA SER C 444 -9.23 -6.18 23.00
C SER C 444 -8.52 -6.41 24.31
N LYS C 445 -7.81 -5.39 24.79
CA LYS C 445 -7.03 -5.51 26.02
C LYS C 445 -7.06 -4.22 26.82
N ASN C 446 -6.69 -4.33 28.10
CA ASN C 446 -6.53 -3.16 28.97
C ASN C 446 -5.77 -3.50 30.24
N ASP C 450 -0.28 -3.39 30.82
CA ASP C 450 0.85 -3.88 30.05
C ASP C 450 0.40 -5.03 29.13
N TYR C 451 1.04 -5.15 27.97
CA TYR C 451 0.54 -6.05 26.94
C TYR C 451 1.64 -6.58 26.04
N ILE C 452 1.31 -7.62 25.27
CA ILE C 452 2.28 -8.27 24.40
C ILE C 452 1.88 -8.26 22.93
N PHE C 453 2.76 -7.76 22.07
CA PHE C 453 2.54 -7.75 20.64
C PHE C 453 3.05 -9.04 20.03
N ASP C 454 2.22 -9.70 19.23
CA ASP C 454 2.58 -10.98 18.64
C ASP C 454 1.87 -11.14 17.30
N TRP C 455 2.65 -11.19 16.22
CA TRP C 455 2.09 -11.32 14.88
C TRP C 455 1.29 -12.61 14.72
N ASP C 456 1.69 -13.64 15.45
CA ASP C 456 1.03 -14.94 15.38
C ASP C 456 -0.41 -14.89 15.88
N ASN C 457 -0.64 -14.07 16.91
CA ASN C 457 -1.95 -14.00 17.53
C ASN C 457 -2.93 -13.12 16.78
N MET C 458 -2.41 -12.11 16.10
CA MET C 458 -3.25 -11.08 15.48
C MET C 458 -3.60 -11.38 14.02
N LEU C 459 -2.62 -11.85 13.25
CA LEU C 459 -2.85 -12.15 11.85
C LEU C 459 -3.23 -13.60 11.63
N ALA C 460 -4.42 -13.96 12.10
CA ALA C 460 -4.91 -15.33 11.97
C ALA C 460 -6.42 -15.35 11.81
N PHE C 461 -6.91 -16.33 11.05
CA PHE C 461 -8.35 -16.48 10.83
C PHE C 461 -8.94 -17.39 11.90
N GLU C 462 -8.25 -17.49 13.03
CA GLU C 462 -8.70 -18.31 14.14
C GLU C 462 -8.66 -17.52 15.44
N GLY C 463 -9.83 -17.36 16.05
CA GLY C 463 -9.94 -16.64 17.30
C GLY C 463 -10.52 -15.26 17.15
N ASN C 464 -10.51 -14.50 18.23
CA ASN C 464 -11.04 -13.14 18.22
C ASN C 464 -10.06 -12.17 17.56
N THR C 465 -9.94 -12.28 16.25
CA THR C 465 -9.02 -11.44 15.50
C THR C 465 -9.79 -10.66 14.44
N ALA C 466 -9.16 -9.59 13.94
CA ALA C 466 -9.74 -8.81 12.86
C ALA C 466 -10.00 -9.61 11.58
N PRO C 467 -9.04 -10.47 11.16
CA PRO C 467 -9.34 -11.28 9.97
C PRO C 467 -10.59 -12.14 10.10
N TYR C 468 -10.77 -12.82 11.23
CA TYR C 468 -11.93 -13.67 11.44
C TYR C 468 -13.22 -12.87 11.34
N MET C 469 -13.23 -11.72 12.02
CA MET C 469 -14.37 -10.81 11.97
C MET C 469 -14.62 -10.34 10.54
N GLN C 470 -13.53 -10.02 9.84
CA GLN C 470 -13.63 -9.59 8.45
C GLN C 470 -14.15 -10.69 7.54
N TYR C 471 -13.72 -11.92 7.81
CA TYR C 471 -14.20 -13.07 7.02
C TYR C 471 -15.60 -13.46 7.47
N ALA C 472 -15.90 -13.22 8.74
CA ALA C 472 -17.23 -13.52 9.27
C ALA C 472 -18.26 -12.63 8.60
N TYR C 473 -17.92 -11.35 8.42
CA TYR C 473 -18.79 -10.42 7.73
C TYR C 473 -19.00 -10.89 6.29
N THR C 474 -17.94 -11.42 5.70
CA THR C 474 -17.98 -11.89 4.32
C THR C 474 -18.98 -13.03 4.13
N ARG C 475 -18.90 -14.03 5.00
CA ARG C 475 -19.74 -15.21 4.86
C ARG C 475 -21.21 -14.92 5.12
N VAL C 476 -21.49 -13.98 6.02
CA VAL C 476 -22.85 -13.57 6.32
C VAL C 476 -23.50 -12.97 5.08
N LEU C 477 -22.77 -12.03 4.47
CA LEU C 477 -23.26 -11.31 3.30
C LEU C 477 -23.49 -12.24 2.11
N SER C 478 -22.82 -13.39 2.12
CA SER C 478 -22.95 -14.37 1.04
C SER C 478 -24.35 -14.97 1.00
N VAL C 479 -24.87 -15.32 2.17
CA VAL C 479 -26.21 -15.91 2.25
C VAL C 479 -27.26 -14.87 1.93
N PHE C 480 -26.88 -13.60 2.04
CA PHE C 480 -27.75 -12.48 1.74
C PHE C 480 -27.59 -12.12 0.27
N ARG C 481 -26.60 -12.72 -0.37
CA ARG C 481 -26.28 -12.42 -1.76
C ARG C 481 -26.99 -13.35 -2.73
N LYS C 482 -26.80 -14.65 -2.53
CA LYS C 482 -27.29 -15.67 -3.44
C LYS C 482 -28.82 -15.71 -3.52
N ALA C 483 -29.48 -15.18 -2.51
CA ALA C 483 -30.94 -15.20 -2.44
C ALA C 483 -31.57 -14.41 -3.59
N GLU C 484 -32.81 -14.75 -3.92
CA GLU C 484 -33.51 -14.12 -5.04
C GLU C 484 -34.40 -12.98 -4.56
N ILE C 485 -34.71 -12.97 -3.27
CA ILE C 485 -35.63 -11.99 -2.70
C ILE C 485 -35.02 -10.60 -2.73
N ASP C 486 -35.68 -9.67 -3.42
CA ASP C 486 -35.21 -8.30 -3.49
C ASP C 486 -35.41 -7.56 -2.18
N GLU C 487 -34.37 -6.87 -1.74
CA GLU C 487 -34.33 -6.15 -0.47
C GLU C 487 -35.54 -5.25 -0.24
N GLU C 488 -36.05 -4.65 -1.31
CA GLU C 488 -37.13 -3.68 -1.21
C GLU C 488 -38.47 -4.34 -0.89
N GLN C 489 -38.62 -5.62 -1.19
CA GLN C 489 -39.85 -6.34 -0.86
C GLN C 489 -39.63 -7.26 0.33
N LEU C 490 -38.37 -7.48 0.68
CA LEU C 490 -38.02 -8.29 1.84
C LEU C 490 -38.47 -7.56 3.10
N ALA C 491 -38.55 -6.24 3.01
CA ALA C 491 -38.97 -5.39 4.11
C ALA C 491 -40.35 -5.77 4.62
N ALA C 492 -41.34 -5.76 3.73
CA ALA C 492 -42.69 -6.14 4.08
C ALA C 492 -42.84 -7.65 4.22
N ALA C 493 -42.11 -8.22 5.17
CA ALA C 493 -42.14 -9.66 5.40
C ALA C 493 -41.94 -9.97 6.88
N PRO C 494 -42.77 -10.87 7.42
CA PRO C 494 -42.79 -11.27 8.82
C PRO C 494 -41.45 -11.83 9.31
N VAL C 495 -41.23 -11.79 10.61
CA VAL C 495 -40.04 -12.38 11.21
C VAL C 495 -40.47 -13.38 12.27
N ILE C 496 -41.10 -14.48 11.84
CA ILE C 496 -41.53 -15.50 12.76
C ILE C 496 -40.32 -16.19 13.40
N ILE C 497 -40.38 -16.37 14.72
CA ILE C 497 -39.32 -17.04 15.44
C ILE C 497 -39.86 -18.24 16.18
N ARG C 498 -39.35 -19.42 15.83
CA ARG C 498 -39.90 -20.67 16.36
C ARG C 498 -38.84 -21.60 16.93
N GLU C 499 -37.57 -21.23 16.79
CA GLU C 499 -36.48 -22.08 17.28
C GLU C 499 -35.53 -21.36 18.23
N ASP C 500 -34.93 -22.12 19.14
CA ASP C 500 -34.12 -21.55 20.22
C ASP C 500 -32.84 -20.88 19.71
N ARG C 501 -32.31 -21.37 18.60
CA ARG C 501 -31.11 -20.78 18.03
C ARG C 501 -31.43 -19.42 17.38
N GLU C 502 -32.61 -19.33 16.77
CA GLU C 502 -33.06 -18.09 16.18
C GLU C 502 -33.22 -17.04 17.26
N ALA C 503 -33.83 -17.44 18.38
CA ALA C 503 -34.04 -16.55 19.51
C ALA C 503 -32.72 -16.11 20.12
N GLN C 504 -31.79 -17.05 20.22
CA GLN C 504 -30.45 -16.77 20.74
C GLN C 504 -29.79 -15.64 19.96
N LEU C 505 -29.80 -15.78 18.63
CA LEU C 505 -29.21 -14.79 17.75
C LEU C 505 -29.97 -13.47 17.79
N ALA C 506 -31.28 -13.54 17.60
CA ALA C 506 -32.14 -12.36 17.56
C ALA C 506 -32.01 -11.52 18.82
N ALA C 507 -31.91 -12.20 19.97
CA ALA C 507 -31.73 -11.50 21.24
C ALA C 507 -30.39 -10.79 21.28
N ARG C 508 -29.34 -11.50 20.88
CA ARG C 508 -27.98 -10.95 20.88
C ARG C 508 -27.87 -9.75 19.96
N LEU C 509 -28.57 -9.81 18.84
CA LEU C 509 -28.59 -8.73 17.87
C LEU C 509 -29.07 -7.42 18.49
N LEU C 510 -30.18 -7.51 19.22
CA LEU C 510 -30.79 -6.34 19.84
C LEU C 510 -29.93 -5.75 20.95
N GLN C 511 -29.03 -6.56 21.50
CA GLN C 511 -28.18 -6.13 22.59
C GLN C 511 -27.05 -5.21 22.11
N PHE C 512 -27.17 -4.72 20.88
CA PHE C 512 -26.17 -3.85 20.28
C PHE C 512 -26.13 -2.50 20.99
N GLU C 513 -27.29 -2.01 21.41
CA GLU C 513 -27.37 -0.74 22.10
C GLU C 513 -26.72 -0.79 23.48
N GLU C 514 -26.94 -1.89 24.19
CA GLU C 514 -26.35 -2.07 25.51
C GLU C 514 -24.84 -2.00 25.44
N THR C 515 -24.28 -2.76 24.50
CA THR C 515 -22.83 -2.82 24.31
C THR C 515 -22.25 -1.43 24.03
N LEU C 516 -22.91 -0.70 23.13
CA LEU C 516 -22.51 0.66 22.82
C LEU C 516 -22.55 1.54 24.07
N THR C 517 -23.58 1.34 24.87
CA THR C 517 -23.79 2.14 26.08
C THR C 517 -22.66 1.88 27.08
N VAL C 518 -22.18 0.64 27.14
CA VAL C 518 -21.09 0.28 28.04
C VAL C 518 -19.77 0.87 27.55
N VAL C 519 -19.57 0.81 26.23
CA VAL C 519 -18.36 1.36 25.62
C VAL C 519 -18.28 2.87 25.86
N ALA C 520 -19.38 3.57 25.59
CA ALA C 520 -19.43 5.01 25.77
C ALA C 520 -19.24 5.42 27.23
N ARG C 521 -19.71 4.58 28.14
CA ARG C 521 -19.66 4.88 29.56
C ARG C 521 -18.31 4.55 30.16
N GLU C 522 -17.92 3.28 30.06
CA GLU C 522 -16.67 2.81 30.65
C GLU C 522 -15.46 3.19 29.81
N GLY C 523 -15.70 3.67 28.60
CA GLY C 523 -14.62 4.06 27.71
C GLY C 523 -13.80 2.89 27.21
N THR C 524 -14.41 1.70 27.21
CA THR C 524 -13.72 0.48 26.82
C THR C 524 -14.30 -0.10 25.53
N PRO C 525 -13.55 0.00 24.43
CA PRO C 525 -13.94 -0.58 23.14
C PRO C 525 -13.75 -2.09 23.09
N HIS C 526 -13.14 -2.67 24.13
CA HIS C 526 -12.87 -4.10 24.14
C HIS C 526 -14.16 -4.91 24.25
N VAL C 527 -15.19 -4.29 24.83
CA VAL C 527 -16.49 -4.93 24.98
C VAL C 527 -17.16 -5.06 23.61
N MET C 528 -16.99 -4.04 22.77
CA MET C 528 -17.60 -4.04 21.44
C MET C 528 -17.03 -5.17 20.59
N CYS C 529 -15.74 -5.44 20.79
CA CYS C 529 -15.09 -6.55 20.08
C CYS C 529 -15.65 -7.88 20.56
N ALA C 530 -15.64 -8.11 21.87
CA ALA C 530 -16.14 -9.34 22.47
C ALA C 530 -17.57 -9.66 22.09
N TYR C 531 -18.39 -8.62 21.98
CA TYR C 531 -19.77 -8.78 21.55
C TYR C 531 -19.81 -9.19 20.08
N LEU C 532 -19.09 -8.45 19.26
CA LEU C 532 -18.96 -8.73 17.83
C LEU C 532 -18.43 -10.13 17.59
N TYR C 533 -17.47 -10.54 18.42
CA TYR C 533 -16.90 -11.88 18.32
C TYR C 533 -17.92 -12.93 18.77
N ASP C 534 -18.70 -12.59 19.79
CA ASP C 534 -19.72 -13.50 20.30
C ASP C 534 -20.85 -13.59 19.28
N LEU C 535 -21.19 -12.45 18.69
CA LEU C 535 -22.27 -12.37 17.71
C LEU C 535 -21.95 -13.18 16.46
N ALA C 536 -20.72 -13.02 15.97
CA ALA C 536 -20.29 -13.72 14.77
C ALA C 536 -20.33 -15.23 14.96
N GLY C 537 -19.97 -15.68 16.15
CA GLY C 537 -19.98 -17.09 16.46
C GLY C 537 -21.39 -17.65 16.54
N LEU C 538 -22.33 -16.82 17.02
CA LEU C 538 -23.72 -17.23 17.15
C LEU C 538 -24.37 -17.43 15.79
N PHE C 539 -24.06 -16.54 14.85
CA PHE C 539 -24.57 -16.65 13.49
C PHE C 539 -24.05 -17.92 12.83
N SER C 540 -22.76 -18.19 13.02
CA SER C 540 -22.13 -19.37 12.44
C SER C 540 -22.84 -20.64 12.91
N GLY C 541 -23.11 -20.69 14.20
CA GLY C 541 -23.86 -21.80 14.77
C GLY C 541 -25.28 -21.81 14.23
N PHE C 542 -25.87 -20.63 14.14
CA PHE C 542 -27.21 -20.48 13.58
C PHE C 542 -27.25 -20.87 12.12
N TYR C 543 -26.13 -20.69 11.43
CA TYR C 543 -26.07 -20.98 10.00
C TYR C 543 -26.16 -22.48 9.72
N GLU C 544 -25.03 -23.18 9.81
CA GLU C 544 -25.00 -24.62 9.56
C GLU C 544 -25.76 -25.38 10.65
N HIS C 545 -27.07 -25.17 10.69
CA HIS C 545 -27.96 -25.77 11.67
C HIS C 545 -29.39 -25.36 11.34
N CYS C 546 -29.57 -24.06 11.13
CA CYS C 546 -30.88 -23.50 10.82
C CYS C 546 -30.87 -22.99 9.38
N PRO C 547 -31.37 -23.81 8.45
CA PRO C 547 -31.34 -23.53 7.01
C PRO C 547 -31.98 -22.22 6.60
N ILE C 548 -31.30 -21.50 5.70
CA ILE C 548 -31.85 -20.29 5.11
C ILE C 548 -31.91 -20.50 3.61
N LEU C 549 -30.82 -21.04 3.07
CA LEU C 549 -30.71 -21.36 1.65
C LEU C 549 -31.74 -22.39 1.23
N SER C 550 -32.93 -21.92 0.88
CA SER C 550 -34.03 -22.78 0.44
C SER C 550 -34.46 -23.77 1.52
N ALA C 551 -35.59 -23.50 2.16
CA ALA C 551 -36.07 -24.35 3.23
C ALA C 551 -37.51 -24.80 3.03
N GLU C 552 -38.11 -25.28 4.11
CA GLU C 552 -39.47 -25.84 4.10
C GLU C 552 -40.52 -24.93 3.47
N ASN C 553 -40.47 -23.64 3.81
CA ASN C 553 -41.41 -22.68 3.25
C ASN C 553 -40.90 -21.25 3.21
N GLU C 554 -41.59 -20.41 2.43
CA GLU C 554 -41.21 -19.03 2.22
C GLU C 554 -41.30 -18.21 3.50
N GLU C 555 -42.21 -18.60 4.39
CA GLU C 555 -42.41 -17.92 5.66
C GLU C 555 -41.16 -17.93 6.53
N VAL C 556 -40.34 -18.96 6.34
CA VAL C 556 -39.11 -19.13 7.11
C VAL C 556 -37.90 -18.51 6.39
N ARG C 557 -37.81 -18.77 5.10
CA ARG C 557 -36.69 -18.33 4.26
C ARG C 557 -36.37 -16.85 4.42
N ASN C 558 -37.38 -16.01 4.25
CA ASN C 558 -37.21 -14.57 4.35
C ASN C 558 -36.96 -14.11 5.78
N SER C 559 -37.53 -14.83 6.74
CA SER C 559 -37.39 -14.49 8.15
C SER C 559 -35.95 -14.62 8.62
N ARG C 560 -35.32 -15.73 8.24
CA ARG C 560 -33.93 -15.97 8.62
C ARG C 560 -32.99 -15.13 7.77
N LEU C 561 -33.40 -14.84 6.53
CA LEU C 561 -32.67 -13.91 5.68
C LEU C 561 -32.68 -12.54 6.35
N LYS C 562 -33.82 -12.21 6.95
CA LYS C 562 -33.96 -10.95 7.67
C LYS C 562 -33.13 -10.96 8.94
N LEU C 563 -33.05 -12.13 9.58
CA LEU C 563 -32.17 -12.29 10.73
C LEU C 563 -30.72 -12.16 10.28
N ALA C 564 -30.44 -12.61 9.06
CA ALA C 564 -29.09 -12.56 8.51
C ALA C 564 -28.74 -11.16 8.02
N GLN C 565 -29.76 -10.36 7.73
CA GLN C 565 -29.54 -9.01 7.23
C GLN C 565 -29.11 -8.08 8.35
N LEU C 566 -29.73 -8.23 9.51
CA LEU C 566 -29.44 -7.39 10.66
C LEU C 566 -28.03 -7.59 11.20
N THR C 567 -27.62 -8.86 11.34
CA THR C 567 -26.28 -9.15 11.84
C THR C 567 -25.19 -8.61 10.92
N ALA C 568 -25.49 -8.59 9.62
CA ALA C 568 -24.56 -8.04 8.64
C ALA C 568 -24.39 -6.56 8.91
N LYS C 569 -25.50 -5.87 9.09
CA LYS C 569 -25.48 -4.45 9.39
C LYS C 569 -24.88 -4.20 10.76
N THR C 570 -25.18 -5.08 11.71
CA THR C 570 -24.68 -4.96 13.08
C THR C 570 -23.16 -5.12 13.12
N LEU C 571 -22.66 -6.15 12.44
CA LEU C 571 -21.22 -6.38 12.39
C LEU C 571 -20.53 -5.23 11.69
N LYS C 572 -21.15 -4.74 10.62
CA LYS C 572 -20.61 -3.62 9.86
C LYS C 572 -20.56 -2.36 10.70
N LEU C 573 -21.71 -1.97 11.25
CA LEU C 573 -21.81 -0.77 12.05
C LEU C 573 -20.94 -0.88 13.29
N GLY C 574 -20.88 -2.09 13.85
CA GLY C 574 -20.05 -2.35 15.02
C GLY C 574 -18.58 -2.18 14.73
N LEU C 575 -18.12 -2.77 13.63
CA LEU C 575 -16.71 -2.68 13.24
C LEU C 575 -16.34 -1.25 12.85
N ASP C 576 -17.32 -0.49 12.38
CA ASP C 576 -17.11 0.90 12.02
C ASP C 576 -16.76 1.75 13.24
N THR C 577 -17.43 1.48 14.36
CA THR C 577 -17.17 2.20 15.60
C THR C 577 -15.79 1.90 16.14
N LEU C 578 -15.24 0.77 15.71
CA LEU C 578 -13.90 0.35 16.12
C LEU C 578 -12.85 0.92 15.18
N GLY C 579 -13.27 1.26 13.97
CA GLY C 579 -12.36 1.75 12.96
C GLY C 579 -11.69 0.60 12.22
N ILE C 580 -12.48 -0.39 11.85
CA ILE C 580 -11.97 -1.56 11.16
C ILE C 580 -12.55 -1.67 9.76
N GLU C 581 -11.67 -1.73 8.77
CA GLU C 581 -12.10 -1.85 7.38
C GLU C 581 -12.82 -3.18 7.13
N THR C 582 -13.83 -3.14 6.26
CA THR C 582 -14.58 -4.35 5.91
C THR C 582 -14.66 -4.54 4.40
N VAL C 583 -13.96 -5.56 3.90
CA VAL C 583 -14.04 -5.92 2.49
C VAL C 583 -15.34 -6.69 2.27
N GLU C 584 -15.67 -6.96 1.01
CA GLU C 584 -16.93 -7.63 0.71
C GLU C 584 -16.72 -9.08 0.29
N ARG C 585 -15.49 -9.42 -0.06
CA ARG C 585 -15.17 -10.79 -0.46
C ARG C 585 -13.76 -11.20 -0.10
N MET C 586 -13.61 -12.47 0.27
CA MET C 586 -12.31 -13.01 0.67
C MET C 586 -12.16 -14.46 0.22
#